data_6Y8Q
#
_entry.id   6Y8Q
#
_cell.length_a   34.240
_cell.length_b   80.850
_cell.length_c   122.170
_cell.angle_alpha   102.480
_cell.angle_beta   96.740
_cell.angle_gamma   100.470
#
_symmetry.space_group_name_H-M   'P 1'
#
loop_
_entity.id
_entity.type
_entity.pdbx_description
1 polymer 'Abortive phage infection protein'
2 non-polymer 2-AMINO-2-HYDROXYMETHYL-PROPANE-1,3-DIOL
3 non-polymer 2-[3-(2-HYDROXY-1,1-DIHYDROXYMETHYL-ETHYLAMINO)-PROPYLAMINO]-2-HYDROXYMETHYL-PROPANE-1,3-DIOL
4 water water
#
_entity_poly.entity_id   1
_entity_poly.type   'polypeptide(L)'
_entity_poly.pdbx_seq_one_letter_code
;SKKEILLDFIEKNNGIVTNKDCKALGIPTIYLTRLEKEGIIFRVEKGIFLTQNGDYDEYYFFQYRFPKAIFSYISALYLQ
QFTDEIPQYFDVTVPRGYRFNTPPANLNIHFVSKEYSELGMTTVPTPMGNNVRVYDFERIICDFVIHREKIDSELFVKTL
QSYGNYPKKNLAKLYEYATKMNTLEKVKQTLEVLI
;
_entity_poly.pdbx_strand_id   A,B,C,D
#
# COMPACT_ATOMS: atom_id res chain seq x y z
N SER A 1 47.57 -6.61 21.41
CA SER A 1 47.36 -5.13 21.19
C SER A 1 46.00 -4.94 20.58
N LYS A 2 45.52 -3.70 20.65
CA LYS A 2 44.22 -3.35 20.10
C LYS A 2 44.13 -3.63 18.61
N LYS A 3 45.24 -3.52 17.88
CA LYS A 3 45.21 -3.85 16.45
C LYS A 3 44.93 -5.34 16.24
N GLU A 4 45.49 -6.21 17.07
CA GLU A 4 45.24 -7.65 16.93
C GLU A 4 43.79 -7.98 17.27
N ILE A 5 43.26 -7.37 18.32
CA ILE A 5 41.85 -7.46 18.65
C ILE A 5 40.97 -7.05 17.47
N LEU A 6 41.24 -5.88 16.91
CA LEU A 6 40.49 -5.40 15.75
C LEU A 6 40.49 -6.42 14.61
N LEU A 7 41.66 -6.99 14.29
CA LEU A 7 41.76 -7.86 13.13
C LEU A 7 41.04 -9.19 13.35
N ASP A 8 41.08 -9.68 14.59
CA ASP A 8 40.30 -10.84 14.98
C ASP A 8 38.81 -10.59 14.80
N PHE A 9 38.34 -9.42 15.26
CA PHE A 9 36.93 -9.07 15.16
C PHE A 9 36.48 -9.02 13.70
N ILE A 10 37.21 -8.32 12.84
CA ILE A 10 36.87 -8.30 11.43
C ILE A 10 36.75 -9.71 10.86
N GLU A 11 37.68 -10.60 11.22
CA GLU A 11 37.67 -11.93 10.62
C GLU A 11 36.44 -12.72 11.05
N LYS A 12 35.99 -12.51 12.29
CA LYS A 12 34.86 -13.23 12.84
C LYS A 12 33.52 -12.53 12.60
N ASN A 13 33.52 -11.33 12.03
CA ASN A 13 32.30 -10.58 11.83
C ASN A 13 31.89 -10.53 10.36
N ASN A 14 32.41 -11.47 9.56
CA ASN A 14 32.08 -11.62 8.13
C ASN A 14 32.26 -10.31 7.36
N GLY A 15 33.45 -9.73 7.50
CA GLY A 15 33.91 -8.73 6.56
C GLY A 15 33.22 -7.39 6.66
N ILE A 16 32.60 -7.08 7.77
CA ILE A 16 32.08 -5.74 8.01
C ILE A 16 32.54 -5.27 9.38
N VAL A 17 32.85 -3.97 9.48
CA VAL A 17 33.35 -3.39 10.71
C VAL A 17 33.02 -1.90 10.67
N THR A 18 32.61 -1.35 11.82
CA THR A 18 32.20 0.03 11.90
C THR A 18 32.96 0.79 12.98
N ASN A 19 32.84 2.11 12.90
CA ASN A 19 33.32 2.98 13.98
C ASN A 19 32.74 2.57 15.32
N LYS A 20 31.45 2.19 15.34
CA LYS A 20 30.84 1.80 16.60
C LYS A 20 31.40 0.50 17.13
N ASP A 21 31.76 -0.42 16.25
CA ASP A 21 32.41 -1.63 16.72
C ASP A 21 33.74 -1.29 17.39
N CYS A 22 34.45 -0.32 16.80
CA CYS A 22 35.74 0.11 17.36
C CYS A 22 35.56 0.75 18.73
N LYS A 23 34.69 1.75 18.81
CA LYS A 23 34.44 2.39 20.10
C LYS A 23 34.03 1.35 21.15
N ALA A 24 33.25 0.33 20.77
CA ALA A 24 32.83 -0.67 21.74
C ALA A 24 34.01 -1.49 22.23
N LEU A 25 34.99 -1.74 21.38
CA LEU A 25 36.14 -2.53 21.78
C LEU A 25 37.25 -1.68 22.39
N GLY A 26 37.01 -0.38 22.56
CA GLY A 26 38.05 0.52 23.03
C GLY A 26 39.18 0.77 22.06
N ILE A 27 38.91 0.76 20.78
CA ILE A 27 39.94 0.89 19.74
C ILE A 27 39.74 2.20 19.01
N PRO A 28 40.79 3.03 18.85
CA PRO A 28 40.63 4.27 18.10
C PRO A 28 40.14 4.00 16.68
N THR A 29 39.18 4.83 16.24
CA THR A 29 38.61 4.61 14.91
C THR A 29 39.63 4.86 13.81
N ILE A 30 40.70 5.60 14.11
CA ILE A 30 41.71 5.83 13.07
C ILE A 30 42.38 4.53 12.70
N TYR A 31 42.30 3.50 13.56
CA TYR A 31 42.79 2.18 13.15
C TYR A 31 42.08 1.69 11.88
N LEU A 32 40.82 2.08 11.66
CA LEU A 32 40.16 1.66 10.41
C LEU A 32 40.76 2.36 9.21
N THR A 33 41.11 3.64 9.39
CA THR A 33 41.79 4.37 8.34
C THR A 33 43.11 3.72 7.98
N ARG A 34 43.83 3.19 9.00
CA ARG A 34 45.11 2.55 8.71
C ARG A 34 44.92 1.28 7.90
N LEU A 35 43.92 0.47 8.28
CA LEU A 35 43.60 -0.75 7.54
C LEU A 35 43.11 -0.44 6.13
N GLU A 36 42.44 0.68 5.97
CA GLU A 36 41.99 1.10 4.65
C GLU A 36 43.18 1.49 3.78
N LYS A 37 44.16 2.17 4.35
CA LYS A 37 45.35 2.55 3.57
C LYS A 37 46.12 1.32 3.14
N GLU A 38 46.16 0.29 3.99
CA GLU A 38 46.83 -0.95 3.71
C GLU A 38 46.09 -1.83 2.71
N GLY A 39 44.81 -1.58 2.49
CA GLY A 39 44.02 -2.38 1.55
C GLY A 39 43.27 -3.53 2.17
N ILE A 40 43.27 -3.64 3.49
CA ILE A 40 42.57 -4.74 4.16
C ILE A 40 41.06 -4.54 4.12
N ILE A 41 40.61 -3.29 4.32
CA ILE A 41 39.20 -2.94 4.29
C ILE A 41 39.06 -1.72 3.41
N PHE A 42 37.83 -1.41 3.04
CA PHE A 42 37.56 -0.18 2.31
C PHE A 42 36.28 0.40 2.85
N ARG A 43 36.12 1.70 2.69
CA ARG A 43 34.98 2.40 3.27
C ARG A 43 33.85 2.35 2.25
N VAL A 44 32.61 2.11 2.73
CA VAL A 44 31.44 2.08 1.86
C VAL A 44 30.42 3.16 2.24
N GLU A 45 30.28 3.43 3.55
CA GLU A 45 29.43 4.50 4.10
C GLU A 45 30.22 5.20 5.18
N LYS A 46 29.73 6.35 5.63
CA LYS A 46 30.32 6.99 6.81
C LYS A 46 30.36 6.01 7.98
N GLY A 47 31.57 5.72 8.47
CA GLY A 47 31.74 4.81 9.59
C GLY A 47 31.58 3.34 9.32
N ILE A 48 31.42 2.91 8.06
CA ILE A 48 31.20 1.50 7.75
C ILE A 48 32.21 1.04 6.71
N PHE A 49 32.91 -0.03 7.05
CA PHE A 49 33.97 -0.59 6.23
C PHE A 49 33.68 -2.06 5.94
N LEU A 50 34.08 -2.49 4.74
CA LEU A 50 34.02 -3.89 4.32
C LEU A 50 35.40 -4.41 3.95
N THR A 51 35.60 -5.69 4.16
CA THR A 51 36.69 -6.38 3.50
C THR A 51 36.31 -6.76 2.09
N GLN A 52 37.26 -7.34 1.35
CA GLN A 52 36.95 -7.85 0.03
C GLN A 52 35.91 -8.97 0.06
N ASN A 53 35.61 -9.55 1.23
CA ASN A 53 34.55 -10.56 1.30
C ASN A 53 33.29 -10.07 2.02
N GLY A 54 33.25 -8.79 2.44
CA GLY A 54 32.03 -8.24 3.03
C GLY A 54 31.09 -7.73 1.96
N ASP A 55 29.80 -7.61 2.31
CA ASP A 55 28.79 -7.23 1.33
C ASP A 55 27.97 -6.03 1.81
N TYR A 56 27.37 -5.34 0.84
CA TYR A 56 26.36 -4.33 1.15
C TYR A 56 25.18 -4.97 1.88
N ASP A 57 24.66 -4.27 2.90
CA ASP A 57 23.49 -4.73 3.64
C ASP A 57 22.61 -3.49 3.83
N GLU A 58 21.53 -3.38 3.04
CA GLU A 58 20.77 -2.12 3.07
C GLU A 58 20.10 -1.93 4.42
N TYR A 59 19.65 -3.02 5.05
CA TYR A 59 18.96 -2.93 6.33
C TYR A 59 19.91 -2.55 7.44
N TYR A 60 21.05 -3.21 7.49
CA TYR A 60 22.04 -2.89 8.51
C TYR A 60 22.63 -1.49 8.28
N PHE A 61 22.90 -1.11 7.04
CA PHE A 61 23.47 0.21 6.81
C PHE A 61 22.47 1.28 7.26
N PHE A 62 21.20 1.05 6.98
CA PHE A 62 20.17 1.99 7.39
C PHE A 62 20.10 2.12 8.89
N GLN A 63 20.00 1.00 9.60
CA GLN A 63 19.83 1.09 11.04
C GLN A 63 21.09 1.56 11.72
N TYR A 64 22.23 1.37 11.08
CA TYR A 64 23.48 1.93 11.62
C TYR A 64 23.39 3.43 11.65
N ARG A 65 22.88 4.05 10.57
CA ARG A 65 22.77 5.49 10.49
C ARG A 65 21.65 5.99 11.38
N PHE A 66 20.61 5.21 11.53
CA PHE A 66 19.40 5.60 12.26
C PHE A 66 19.07 4.56 13.33
N PRO A 67 19.88 4.49 14.38
CA PRO A 67 19.71 3.39 15.36
C PRO A 67 18.40 3.41 16.14
N LYS A 68 17.69 4.53 16.24
CA LYS A 68 16.40 4.51 16.91
C LYS A 68 15.27 3.99 16.03
N ALA A 69 15.53 3.77 14.74
CA ALA A 69 14.48 3.23 13.86
C ALA A 69 14.42 1.71 13.97
N ILE A 70 13.32 1.18 14.49
CA ILE A 70 13.10 -0.28 14.59
C ILE A 70 12.31 -0.73 13.37
N PHE A 71 12.77 -1.79 12.69
CA PHE A 71 12.04 -2.29 11.55
C PHE A 71 10.71 -2.85 12.02
N SER A 72 9.66 -2.44 11.32
CA SER A 72 8.29 -2.73 11.71
C SER A 72 7.52 -3.12 10.46
N TYR A 73 6.23 -3.44 10.62
CA TYR A 73 5.34 -3.82 9.54
C TYR A 73 6.04 -4.71 8.52
N ILE A 74 6.08 -4.34 7.25
CA ILE A 74 6.55 -5.29 6.24
C ILE A 74 8.07 -5.53 6.34
N SER A 75 8.84 -4.57 6.87
CA SER A 75 10.28 -4.81 7.03
C SER A 75 10.50 -5.89 8.08
N ALA A 76 9.75 -5.81 9.17
CA ALA A 76 9.88 -6.78 10.26
C ALA A 76 9.37 -8.14 9.81
N LEU A 77 8.33 -8.14 9.00
CA LEU A 77 7.82 -9.41 8.44
C LEU A 77 8.88 -10.04 7.53
N TYR A 78 9.39 -9.27 6.58
CA TYR A 78 10.42 -9.75 5.69
C TYR A 78 11.65 -10.28 6.45
N LEU A 79 12.18 -9.50 7.37
CA LEU A 79 13.43 -9.88 8.02
C LEU A 79 13.31 -11.20 8.80
N GLN A 80 12.11 -11.53 9.28
CA GLN A 80 11.86 -12.74 10.04
C GLN A 80 11.24 -13.83 9.18
N GLN A 81 11.17 -13.61 7.88
CA GLN A 81 10.67 -14.57 6.90
C GLN A 81 9.23 -14.97 7.21
N PHE A 82 8.43 -14.00 7.64
CA PHE A 82 7.00 -14.15 7.83
C PHE A 82 6.20 -13.76 6.59
N THR A 83 6.87 -13.33 5.55
CA THR A 83 6.24 -13.07 4.26
C THR A 83 7.19 -13.56 3.17
N ASP A 84 6.63 -13.79 1.99
CA ASP A 84 7.44 -14.12 0.82
C ASP A 84 7.70 -12.93 -0.09
N GLU A 85 7.18 -11.76 0.24
CA GLU A 85 7.42 -10.60 -0.57
C GLU A 85 8.79 -10.02 -0.28
N ILE A 86 9.37 -9.37 -1.27
CA ILE A 86 10.64 -8.68 -1.10
C ILE A 86 10.39 -7.19 -1.16
N PRO A 87 10.20 -6.52 -0.02
CA PRO A 87 9.73 -5.15 -0.07
C PRO A 87 10.77 -4.24 -0.74
N GLN A 88 10.29 -3.22 -1.42
CA GLN A 88 11.23 -2.27 -2.03
C GLN A 88 11.34 -0.99 -1.21
N TYR A 89 10.73 -0.94 -0.03
CA TYR A 89 10.82 0.19 0.87
C TYR A 89 10.99 -0.34 2.30
N PHE A 90 11.47 0.53 3.18
CA PHE A 90 11.53 0.22 4.60
C PHE A 90 10.28 0.74 5.33
N ASP A 91 9.79 -0.06 6.27
CA ASP A 91 8.85 0.39 7.30
C ASP A 91 9.64 0.43 8.60
N VAL A 92 9.64 1.56 9.27
CA VAL A 92 10.31 1.67 10.56
C VAL A 92 9.40 2.38 11.55
N THR A 93 9.65 2.09 12.84
CA THR A 93 8.93 2.77 13.91
C THR A 93 9.92 3.49 14.83
N VAL A 94 9.62 4.76 15.08
CA VAL A 94 10.43 5.60 15.96
C VAL A 94 9.52 6.22 17.02
N PRO A 95 10.11 6.72 18.10
CA PRO A 95 9.34 7.53 19.08
C PRO A 95 8.77 8.79 18.46
N ARG A 96 7.60 9.19 18.98
CA ARG A 96 7.00 10.45 18.57
C ARG A 96 8.03 11.58 18.72
N GLY A 97 8.04 12.46 17.76
CA GLY A 97 8.92 13.60 17.78
C GLY A 97 10.27 13.36 17.18
N TYR A 98 10.58 12.14 16.78
CA TYR A 98 11.87 11.85 16.17
C TYR A 98 11.88 12.35 14.73
N ARG A 99 12.92 13.08 14.36
CA ARG A 99 13.08 13.54 12.98
C ARG A 99 14.34 12.92 12.40
N PHE A 100 14.21 12.35 11.18
CA PHE A 100 15.35 11.78 10.49
C PHE A 100 16.22 12.86 9.86
N ASN A 101 17.54 12.75 10.05
CA ASN A 101 18.51 13.60 9.37
C ASN A 101 18.82 12.97 8.01
N THR A 102 18.26 13.55 6.96
CA THR A 102 18.58 13.16 5.59
C THR A 102 18.23 11.69 5.33
N PRO A 103 16.96 11.32 5.48
CA PRO A 103 16.53 9.93 5.23
C PRO A 103 16.57 9.59 3.75
N PRO A 104 16.66 8.30 3.40
CA PRO A 104 16.42 7.90 2.01
C PRO A 104 14.95 8.07 1.63
N ALA A 105 14.70 8.10 0.34
CA ALA A 105 13.34 8.33 -0.12
C ALA A 105 12.39 7.14 0.03
N ASN A 106 12.87 5.90 0.06
CA ASN A 106 11.96 4.73 0.09
C ASN A 106 11.68 4.33 1.53
N LEU A 107 11.00 5.18 2.28
CA LEU A 107 10.88 5.04 3.72
C LEU A 107 9.50 5.44 4.21
N ASN A 108 8.84 4.53 4.92
CA ASN A 108 7.59 4.84 5.63
C ASN A 108 7.88 4.88 7.13
N ILE A 109 7.67 6.04 7.76
CA ILE A 109 7.91 6.21 9.18
C ILE A 109 6.59 6.10 9.94
N HIS A 110 6.63 5.33 11.02
CA HIS A 110 5.53 5.17 11.95
C HIS A 110 5.99 5.68 13.30
N PHE A 111 5.16 6.49 13.95
CA PHE A 111 5.47 7.04 15.26
C PHE A 111 4.65 6.38 16.35
N VAL A 112 5.29 6.05 17.47
CA VAL A 112 4.57 5.55 18.62
C VAL A 112 5.10 6.25 19.85
N SER A 113 4.33 6.20 20.93
CA SER A 113 4.77 6.83 22.15
C SER A 113 5.98 6.09 22.69
N LYS A 114 6.82 6.84 23.41
CA LYS A 114 8.08 6.33 23.91
C LYS A 114 7.89 5.04 24.71
N GLU A 115 6.80 4.95 25.49
CA GLU A 115 6.57 3.75 26.29
C GLU A 115 6.47 2.48 25.44
N TYR A 116 6.04 2.61 24.18
CA TYR A 116 5.88 1.47 23.29
C TYR A 116 7.05 1.27 22.34
N SER A 117 8.01 2.20 22.32
CA SER A 117 8.96 2.24 21.21
C SER A 117 9.73 0.92 21.10
N GLU A 118 9.98 0.22 22.22
CA GLU A 118 10.75 -1.02 22.24
C GLU A 118 9.94 -2.23 22.71
N LEU A 119 8.61 -2.12 22.77
CA LEU A 119 7.77 -3.23 23.20
C LEU A 119 7.71 -4.28 22.10
N GLY A 120 8.16 -5.48 22.39
CA GLY A 120 8.27 -6.52 21.39
C GLY A 120 9.47 -6.41 20.48
N MET A 121 10.44 -5.55 20.83
CA MET A 121 11.68 -5.44 20.08
C MET A 121 12.52 -6.69 20.27
N THR A 122 13.07 -7.19 19.18
CA THR A 122 13.97 -8.33 19.22
C THR A 122 15.04 -8.12 18.14
N THR A 123 16.10 -8.92 18.20
CA THR A 123 17.23 -8.79 17.29
C THR A 123 17.32 -10.02 16.42
N VAL A 124 17.43 -9.81 15.11
CA VAL A 124 17.53 -10.92 14.17
C VAL A 124 18.53 -10.56 13.09
N PRO A 125 19.15 -11.59 12.51
CA PRO A 125 20.01 -11.35 11.33
C PRO A 125 19.22 -10.97 10.11
N THR A 126 19.79 -10.06 9.34
CA THR A 126 19.31 -9.71 8.01
C THR A 126 19.64 -10.81 6.99
N PRO A 127 19.20 -10.68 5.75
CA PRO A 127 19.63 -11.66 4.71
C PRO A 127 21.13 -11.69 4.49
N MET A 128 21.84 -10.66 4.87
CA MET A 128 23.30 -10.65 4.83
C MET A 128 23.96 -11.04 6.13
N GLY A 129 23.21 -11.45 7.14
CA GLY A 129 23.78 -11.99 8.36
C GLY A 129 24.14 -11.01 9.45
N ASN A 130 23.76 -9.74 9.31
CA ASN A 130 24.04 -8.72 10.31
C ASN A 130 22.84 -8.51 11.21
N ASN A 131 23.08 -8.28 12.49
CA ASN A 131 21.98 -8.20 13.44
C ASN A 131 21.32 -6.83 13.34
N VAL A 132 19.97 -6.81 13.23
CA VAL A 132 19.19 -5.58 13.31
C VAL A 132 18.02 -5.79 14.28
N ARG A 133 17.47 -4.67 14.72
CA ARG A 133 16.35 -4.65 15.66
C ARG A 133 15.05 -4.50 14.91
N VAL A 134 14.10 -5.38 15.27
CA VAL A 134 12.80 -5.53 14.62
C VAL A 134 11.77 -5.75 15.71
N TYR A 135 10.50 -5.60 15.34
CA TYR A 135 9.38 -6.03 16.18
C TYR A 135 9.05 -7.50 15.91
N ASP A 136 8.85 -8.27 16.97
CA ASP A 136 8.48 -9.68 16.87
C ASP A 136 7.05 -9.81 16.34
N PHE A 137 6.64 -11.05 16.04
CA PHE A 137 5.39 -11.23 15.28
C PHE A 137 4.20 -10.72 16.08
N GLU A 138 4.20 -10.96 17.38
CA GLU A 138 3.06 -10.56 18.21
C GLU A 138 2.90 -9.04 18.21
N ARG A 139 4.01 -8.30 18.29
CA ARG A 139 3.91 -6.85 18.23
C ARG A 139 3.50 -6.38 16.84
N ILE A 140 3.91 -7.08 15.79
CA ILE A 140 3.46 -6.71 14.45
C ILE A 140 1.95 -6.87 14.37
N ILE A 141 1.43 -7.98 14.93
CA ILE A 141 -0.01 -8.21 14.86
C ILE A 141 -0.79 -7.13 15.63
N CYS A 142 -0.34 -6.79 16.84
CA CYS A 142 -0.92 -5.66 17.54
C CYS A 142 -0.97 -4.41 16.67
N ASP A 143 0.17 -4.06 16.05
CA ASP A 143 0.21 -2.89 15.18
C ASP A 143 -0.85 -2.98 14.08
N PHE A 144 -0.92 -4.15 13.40
CA PHE A 144 -1.87 -4.34 12.31
C PHE A 144 -3.30 -4.17 12.79
N VAL A 145 -3.62 -4.74 13.95
CA VAL A 145 -4.98 -4.67 14.46
C VAL A 145 -5.33 -3.23 14.81
N ILE A 146 -4.41 -2.51 15.47
CA ILE A 146 -4.69 -1.14 15.85
C ILE A 146 -4.89 -0.28 14.62
N HIS A 147 -4.08 -0.51 13.58
CA HIS A 147 -3.97 0.41 12.44
C HIS A 147 -4.59 -0.13 11.17
N ARG A 148 -5.50 -1.08 11.31
CA ARG A 148 -6.07 -1.76 10.17
C ARG A 148 -6.52 -0.77 9.10
N GLU A 149 -7.22 0.30 9.49
CA GLU A 149 -7.81 1.20 8.51
C GLU A 149 -6.76 1.88 7.66
N LYS A 150 -5.52 1.99 8.14
CA LYS A 150 -4.47 2.64 7.39
C LYS A 150 -3.60 1.66 6.63
N ILE A 151 -4.00 0.41 6.51
CA ILE A 151 -3.15 -0.64 5.97
C ILE A 151 -3.82 -1.23 4.75
N ASP A 152 -3.03 -1.43 3.71
CA ASP A 152 -3.48 -2.09 2.49
C ASP A 152 -4.20 -3.37 2.84
N SER A 153 -5.44 -3.52 2.34
CA SER A 153 -6.28 -4.61 2.80
C SER A 153 -5.73 -5.98 2.40
N GLU A 154 -5.07 -6.08 1.26
CA GLU A 154 -4.49 -7.36 0.87
C GLU A 154 -3.33 -7.72 1.78
N LEU A 155 -2.49 -6.74 2.11
CA LEU A 155 -1.43 -6.98 3.08
C LEU A 155 -1.98 -7.36 4.45
N PHE A 156 -3.04 -6.69 4.90
CA PHE A 156 -3.64 -7.04 6.18
C PHE A 156 -4.11 -8.48 6.21
N VAL A 157 -4.91 -8.87 5.21
CA VAL A 157 -5.40 -10.25 5.18
C VAL A 157 -4.26 -11.25 5.14
N LYS A 158 -3.28 -11.02 4.27
CA LYS A 158 -2.16 -11.95 4.14
C LYS A 158 -1.40 -12.08 5.46
N THR A 159 -1.21 -10.96 6.18
CA THR A 159 -0.40 -11.01 7.38
C THR A 159 -1.11 -11.75 8.49
N LEU A 160 -2.41 -11.50 8.65
CA LEU A 160 -3.17 -12.26 9.63
C LEU A 160 -3.09 -13.76 9.35
N GLN A 161 -3.27 -14.14 8.09
CA GLN A 161 -3.20 -15.55 7.72
C GLN A 161 -1.83 -16.14 8.01
N SER A 162 -0.78 -15.35 7.76
CA SER A 162 0.57 -15.82 8.07
C SER A 162 0.74 -16.06 9.56
N TYR A 163 0.19 -15.18 10.39
CA TYR A 163 0.24 -15.44 11.83
C TYR A 163 -0.62 -16.68 12.18
N GLY A 164 -1.79 -16.81 11.57
CA GLY A 164 -2.60 -18.01 11.80
C GLY A 164 -1.78 -19.27 11.57
N ASN A 165 -1.00 -19.28 10.50
CA ASN A 165 -0.20 -20.47 10.17
C ASN A 165 1.11 -20.57 10.92
N TYR A 166 1.48 -19.54 11.68
CA TYR A 166 2.74 -19.50 12.42
C TYR A 166 2.70 -20.44 13.61
N PRO A 167 3.59 -21.43 13.67
CA PRO A 167 3.51 -22.44 14.74
C PRO A 167 4.24 -22.07 16.03
N LYS A 168 4.78 -20.85 16.14
CA LYS A 168 5.52 -20.45 17.32
C LYS A 168 4.91 -19.24 17.98
N LYS A 169 3.60 -19.14 17.94
CA LYS A 169 2.88 -18.09 18.63
C LYS A 169 3.27 -18.08 20.10
N ASN A 170 3.40 -16.88 20.64
CA ASN A 170 3.54 -16.66 22.08
C ASN A 170 2.35 -15.83 22.53
N LEU A 171 1.28 -16.51 22.94
CA LEU A 171 0.04 -15.78 23.22
C LEU A 171 0.16 -14.95 24.48
N ALA A 172 0.93 -15.40 25.47
CA ALA A 172 1.15 -14.57 26.65
C ALA A 172 1.76 -13.23 26.24
N LYS A 173 2.72 -13.26 25.32
CA LYS A 173 3.30 -11.99 24.86
C LYS A 173 2.28 -11.20 24.06
N LEU A 174 1.53 -11.88 23.18
CA LEU A 174 0.48 -11.20 22.42
C LEU A 174 -0.48 -10.49 23.35
N TYR A 175 -0.92 -11.16 24.42
CA TYR A 175 -1.86 -10.52 25.34
C TYR A 175 -1.18 -9.41 26.15
N GLU A 176 0.06 -9.64 26.59
CA GLU A 176 0.81 -8.57 27.28
C GLU A 176 0.87 -7.30 26.44
N TYR A 177 1.34 -7.42 25.20
CA TYR A 177 1.43 -6.25 24.32
C TYR A 177 0.08 -5.59 24.09
N ALA A 178 -0.94 -6.39 23.80
CA ALA A 178 -2.24 -5.82 23.46
C ALA A 178 -2.83 -5.07 24.65
N THR A 179 -2.60 -5.58 25.86
CA THR A 179 -3.09 -4.87 27.04
C THR A 179 -2.40 -3.54 27.20
N LYS A 180 -1.07 -3.52 27.09
CA LYS A 180 -0.32 -2.28 27.23
C LYS A 180 -0.68 -1.28 26.15
N MET A 181 -0.98 -1.77 24.94
CA MET A 181 -1.29 -0.89 23.83
C MET A 181 -2.78 -0.63 23.67
N ASN A 182 -3.58 -1.00 24.68
CA ASN A 182 -5.01 -0.69 24.77
C ASN A 182 -5.81 -1.23 23.58
N THR A 183 -5.52 -2.47 23.18
CA THR A 183 -6.17 -3.06 22.03
C THR A 183 -6.49 -4.53 22.25
N LEU A 184 -6.63 -4.97 23.51
CA LEU A 184 -6.73 -6.38 23.82
C LEU A 184 -7.97 -7.03 23.20
N GLU A 185 -9.14 -6.37 23.28
CA GLU A 185 -10.35 -7.03 22.80
C GLU A 185 -10.37 -7.14 21.28
N LYS A 186 -9.86 -6.14 20.57
CA LYS A 186 -9.79 -6.29 19.13
C LYS A 186 -8.76 -7.34 18.76
N VAL A 187 -7.70 -7.52 19.56
CA VAL A 187 -6.73 -8.58 19.29
C VAL A 187 -7.33 -9.94 19.60
N LYS A 188 -8.14 -10.04 20.64
CA LYS A 188 -8.76 -11.33 20.95
C LYS A 188 -9.77 -11.73 19.86
N GLN A 189 -10.54 -10.75 19.38
CA GLN A 189 -11.45 -10.97 18.28
C GLN A 189 -10.71 -11.43 17.03
N THR A 190 -9.51 -10.89 16.80
CA THR A 190 -8.74 -11.25 15.63
C THR A 190 -8.21 -12.66 15.76
N LEU A 191 -7.63 -12.97 16.92
CA LEU A 191 -7.08 -14.29 17.19
C LEU A 191 -8.13 -15.39 17.04
N GLU A 192 -9.37 -15.09 17.41
CA GLU A 192 -10.45 -16.07 17.34
C GLU A 192 -10.61 -16.70 15.95
N VAL A 193 -10.45 -15.91 14.88
CA VAL A 193 -10.57 -16.48 13.56
C VAL A 193 -9.29 -17.09 13.02
N LEU A 194 -8.16 -16.93 13.70
CA LEU A 194 -6.89 -17.41 13.17
C LEU A 194 -6.43 -18.74 13.77
N ILE A 195 -6.92 -19.09 14.95
CA ILE A 195 -6.51 -20.35 15.55
C ILE A 195 -7.48 -21.51 15.25
N SER B 1 -30.32 -15.33 -32.52
CA SER B 1 -31.30 -15.18 -31.41
C SER B 1 -30.74 -14.25 -30.36
N LYS B 2 -31.64 -13.71 -29.55
CA LYS B 2 -31.27 -12.87 -28.43
C LYS B 2 -30.41 -13.64 -27.43
N LYS B 3 -30.66 -14.93 -27.27
CA LYS B 3 -29.82 -15.73 -26.38
C LYS B 3 -28.39 -15.81 -26.91
N GLU B 4 -28.24 -15.89 -28.24
CA GLU B 4 -26.91 -15.94 -28.85
C GLU B 4 -26.19 -14.61 -28.68
N ILE B 5 -26.93 -13.52 -28.85
CA ILE B 5 -26.36 -12.19 -28.63
C ILE B 5 -25.86 -12.08 -27.20
N LEU B 6 -26.71 -12.49 -26.24
CA LEU B 6 -26.35 -12.41 -24.84
C LEU B 6 -25.11 -13.23 -24.55
N LEU B 7 -25.08 -14.47 -25.04
CA LEU B 7 -23.92 -15.33 -24.80
C LEU B 7 -22.68 -14.74 -25.44
N ASP B 8 -22.83 -14.15 -26.62
CA ASP B 8 -21.72 -13.49 -27.29
C ASP B 8 -21.21 -12.32 -26.46
N PHE B 9 -22.14 -11.52 -25.92
CA PHE B 9 -21.77 -10.38 -25.10
C PHE B 9 -21.02 -10.81 -23.85
N ILE B 10 -21.54 -11.81 -23.14
CA ILE B 10 -20.87 -12.29 -21.93
C ILE B 10 -19.42 -12.64 -22.22
N GLU B 11 -19.19 -13.39 -23.30
CA GLU B 11 -17.84 -13.80 -23.67
C GLU B 11 -16.99 -12.57 -23.98
N LYS B 12 -17.47 -11.69 -24.87
CA LYS B 12 -16.68 -10.52 -25.23
C LYS B 12 -16.41 -9.64 -24.02
N ASN B 13 -17.31 -9.65 -23.04
CA ASN B 13 -17.23 -8.73 -21.92
C ASN B 13 -16.47 -9.32 -20.73
N ASN B 14 -15.74 -10.41 -20.94
CA ASN B 14 -14.81 -10.94 -19.96
C ASN B 14 -15.53 -11.39 -18.70
N GLY B 15 -16.69 -12.01 -18.86
CA GLY B 15 -17.26 -12.82 -17.80
C GLY B 15 -18.13 -12.07 -16.83
N ILE B 16 -18.61 -10.91 -17.20
CA ILE B 16 -19.53 -10.13 -16.38
C ILE B 16 -20.66 -9.60 -17.23
N VAL B 17 -21.85 -9.60 -16.65
CA VAL B 17 -23.03 -9.07 -17.34
C VAL B 17 -24.00 -8.62 -16.27
N THR B 18 -24.71 -7.55 -16.55
CA THR B 18 -25.66 -6.93 -15.66
C THR B 18 -27.05 -6.85 -16.32
N ASN B 19 -28.05 -6.58 -15.48
CA ASN B 19 -29.39 -6.28 -15.99
C ASN B 19 -29.36 -5.11 -16.97
N LYS B 20 -28.57 -4.10 -16.66
CA LYS B 20 -28.50 -2.93 -17.54
C LYS B 20 -27.88 -3.28 -18.87
N ASP B 21 -26.88 -4.17 -18.90
CA ASP B 21 -26.37 -4.62 -20.19
C ASP B 21 -27.49 -5.27 -20.99
N CYS B 22 -28.25 -6.16 -20.34
CA CYS B 22 -29.34 -6.87 -21.01
C CYS B 22 -30.34 -5.90 -21.63
N LYS B 23 -30.83 -4.95 -20.83
CA LYS B 23 -31.77 -3.95 -21.33
C LYS B 23 -31.17 -3.18 -22.50
N ALA B 24 -29.88 -2.83 -22.39
CA ALA B 24 -29.22 -2.11 -23.48
C ALA B 24 -29.17 -2.95 -24.75
N LEU B 25 -29.09 -4.28 -24.62
CA LEU B 25 -29.05 -5.17 -25.77
C LEU B 25 -30.44 -5.53 -26.30
N GLY B 26 -31.49 -5.04 -25.65
CA GLY B 26 -32.85 -5.36 -26.04
C GLY B 26 -33.28 -6.77 -25.68
N ILE B 27 -32.81 -7.29 -24.56
CA ILE B 27 -32.95 -8.69 -24.19
C ILE B 27 -33.66 -8.74 -22.83
N PRO B 28 -34.69 -9.56 -22.68
CA PRO B 28 -35.37 -9.66 -21.37
C PRO B 28 -34.39 -10.09 -20.29
N THR B 29 -34.42 -9.41 -19.15
CA THR B 29 -33.50 -9.73 -18.06
C THR B 29 -33.73 -11.13 -17.50
N ILE B 30 -34.91 -11.71 -17.75
CA ILE B 30 -35.12 -13.08 -17.31
C ILE B 30 -34.18 -14.04 -18.02
N TYR B 31 -33.66 -13.66 -19.19
CA TYR B 31 -32.62 -14.49 -19.79
C TYR B 31 -31.47 -14.73 -18.84
N LEU B 32 -31.17 -13.77 -17.95
CA LEU B 32 -30.02 -13.99 -17.05
C LEU B 32 -30.38 -15.05 -16.02
N THR B 33 -31.62 -14.98 -15.51
CA THR B 33 -32.10 -16.03 -14.62
C THR B 33 -31.99 -17.40 -15.27
N ARG B 34 -32.31 -17.50 -16.56
CA ARG B 34 -32.20 -18.81 -17.24
C ARG B 34 -30.76 -19.29 -17.28
N LEU B 35 -29.83 -18.40 -17.62
CA LEU B 35 -28.44 -18.81 -17.66
C LEU B 35 -27.94 -19.19 -16.27
N GLU B 36 -28.50 -18.57 -15.22
CA GLU B 36 -28.09 -18.91 -13.87
C GLU B 36 -28.55 -20.30 -13.51
N LYS B 37 -29.78 -20.65 -13.90
CA LYS B 37 -30.29 -22.00 -13.66
C LYS B 37 -29.43 -23.03 -14.38
N GLU B 38 -29.01 -22.70 -15.60
CA GLU B 38 -28.15 -23.58 -16.37
C GLU B 38 -26.74 -23.68 -15.80
N GLY B 39 -26.33 -22.72 -14.97
CA GLY B 39 -24.98 -22.71 -14.42
C GLY B 39 -23.93 -21.98 -15.26
N ILE B 40 -24.35 -21.30 -16.33
CA ILE B 40 -23.39 -20.56 -17.16
C ILE B 40 -22.92 -19.32 -16.43
N ILE B 41 -23.81 -18.67 -15.68
CA ILE B 41 -23.43 -17.51 -14.88
C ILE B 41 -23.96 -17.74 -13.47
N PHE B 42 -23.46 -16.93 -12.54
CA PHE B 42 -24.03 -16.89 -11.21
C PHE B 42 -24.18 -15.44 -10.79
N ARG B 43 -25.16 -15.18 -9.93
CA ARG B 43 -25.39 -13.84 -9.43
C ARG B 43 -24.45 -13.54 -8.28
N VAL B 44 -23.95 -12.29 -8.23
CA VAL B 44 -23.05 -11.84 -7.17
C VAL B 44 -23.63 -10.65 -6.42
N GLU B 45 -24.31 -9.76 -7.13
CA GLU B 45 -25.02 -8.62 -6.57
C GLU B 45 -26.36 -8.49 -7.27
N LYS B 46 -27.24 -7.65 -6.72
CA LYS B 46 -28.51 -7.42 -7.41
C LYS B 46 -28.21 -6.85 -8.80
N GLY B 47 -28.64 -7.56 -9.83
CA GLY B 47 -28.42 -7.13 -11.20
C GLY B 47 -27.06 -7.44 -11.83
N ILE B 48 -26.16 -8.12 -11.11
CA ILE B 48 -24.82 -8.38 -11.61
C ILE B 48 -24.53 -9.86 -11.53
N PHE B 49 -24.00 -10.38 -12.63
CA PHE B 49 -23.71 -11.80 -12.75
C PHE B 49 -22.27 -11.97 -13.25
N LEU B 50 -21.67 -13.07 -12.85
CA LEU B 50 -20.36 -13.46 -13.33
C LEU B 50 -20.38 -14.86 -13.91
N THR B 51 -19.47 -15.14 -14.84
CA THR B 51 -19.13 -16.52 -15.14
C THR B 51 -18.07 -16.99 -14.16
N GLN B 52 -17.64 -18.26 -14.30
CA GLN B 52 -16.54 -18.77 -13.48
C GLN B 52 -15.21 -18.08 -13.82
N ASN B 53 -15.15 -17.32 -14.91
CA ASN B 53 -13.95 -16.61 -15.32
C ASN B 53 -14.05 -15.11 -15.11
N GLY B 54 -15.15 -14.60 -14.54
CA GLY B 54 -15.25 -13.20 -14.18
C GLY B 54 -14.90 -12.99 -12.71
N ASP B 55 -14.69 -11.73 -12.34
CA ASP B 55 -14.17 -11.43 -11.02
C ASP B 55 -14.95 -10.30 -10.35
N TYR B 56 -14.81 -10.23 -9.03
CA TYR B 56 -15.34 -9.12 -8.25
C TYR B 56 -14.63 -7.84 -8.66
N ASP B 57 -15.37 -6.74 -8.81
CA ASP B 57 -14.79 -5.44 -9.14
C ASP B 57 -15.43 -4.48 -8.14
N GLU B 58 -14.68 -4.07 -7.11
CA GLU B 58 -15.30 -3.25 -6.06
C GLU B 58 -15.76 -1.90 -6.61
N TYR B 59 -14.95 -1.29 -7.47
CA TYR B 59 -15.30 0.01 -8.06
C TYR B 59 -16.57 -0.10 -8.88
N TYR B 60 -16.62 -1.09 -9.76
CA TYR B 60 -17.76 -1.19 -10.66
C TYR B 60 -19.04 -1.59 -9.91
N PHE B 61 -18.94 -2.52 -8.96
CA PHE B 61 -20.12 -2.97 -8.24
C PHE B 61 -20.70 -1.84 -7.41
N PHE B 62 -19.81 -1.04 -6.81
CA PHE B 62 -20.21 0.13 -6.06
C PHE B 62 -20.95 1.12 -6.92
N GLN B 63 -20.38 1.48 -8.08
CA GLN B 63 -21.02 2.49 -8.89
C GLN B 63 -22.26 1.97 -9.63
N TYR B 64 -22.32 0.66 -9.86
CA TYR B 64 -23.55 0.08 -10.43
C TYR B 64 -24.72 0.31 -9.47
N ARG B 65 -24.47 0.11 -8.17
CA ARG B 65 -25.46 0.27 -7.11
C ARG B 65 -25.74 1.75 -6.83
N PHE B 66 -24.72 2.60 -6.95
CA PHE B 66 -24.82 4.03 -6.67
C PHE B 66 -24.34 4.86 -7.85
N PRO B 67 -25.13 4.91 -8.93
CA PRO B 67 -24.62 5.52 -10.18
C PRO B 67 -24.42 7.00 -10.13
N LYS B 68 -24.93 7.70 -9.14
CA LYS B 68 -24.68 9.13 -9.02
C LYS B 68 -23.32 9.43 -8.39
N ALA B 69 -22.66 8.43 -7.81
CA ALA B 69 -21.40 8.62 -7.11
C ALA B 69 -20.26 8.53 -8.13
N ILE B 70 -19.65 9.67 -8.43
CA ILE B 70 -18.50 9.74 -9.33
C ILE B 70 -17.22 9.60 -8.52
N PHE B 71 -16.28 8.79 -8.99
CA PHE B 71 -15.03 8.67 -8.26
C PHE B 71 -14.22 9.95 -8.38
N SER B 72 -13.68 10.39 -7.26
CA SER B 72 -13.04 11.71 -7.21
C SER B 72 -11.76 11.57 -6.40
N TYR B 73 -11.06 12.70 -6.21
CA TYR B 73 -9.85 12.73 -5.39
C TYR B 73 -8.98 11.49 -5.61
N ILE B 74 -8.62 10.75 -4.54
CA ILE B 74 -7.58 9.75 -4.75
C ILE B 74 -8.09 8.52 -5.48
N SER B 75 -9.39 8.27 -5.43
CA SER B 75 -9.92 7.20 -6.27
C SER B 75 -9.78 7.52 -7.75
N ALA B 76 -10.14 8.74 -8.14
CA ALA B 76 -10.02 9.13 -9.53
C ALA B 76 -8.55 9.16 -9.96
N LEU B 77 -7.67 9.61 -9.08
CA LEU B 77 -6.24 9.58 -9.41
C LEU B 77 -5.78 8.14 -9.65
N TYR B 78 -6.09 7.24 -8.71
CA TYR B 78 -5.71 5.84 -8.79
C TYR B 78 -6.26 5.19 -10.03
N LEU B 79 -7.55 5.43 -10.33
CA LEU B 79 -8.18 4.74 -11.44
C LEU B 79 -7.56 5.15 -12.76
N GLN B 80 -7.08 6.38 -12.85
CA GLN B 80 -6.47 6.88 -14.07
C GLN B 80 -4.95 6.71 -14.08
N GLN B 81 -4.39 6.06 -13.07
CA GLN B 81 -2.97 5.78 -12.97
C GLN B 81 -2.15 7.06 -12.85
N PHE B 82 -2.73 8.08 -12.21
CA PHE B 82 -2.07 9.33 -11.86
C PHE B 82 -1.39 9.26 -10.49
N THR B 83 -1.62 8.18 -9.76
CA THR B 83 -0.90 7.88 -8.53
C THR B 83 -0.62 6.38 -8.53
N ASP B 84 0.47 6.01 -7.84
CA ASP B 84 0.85 4.64 -7.59
C ASP B 84 0.19 4.06 -6.35
N GLU B 85 -0.30 4.90 -5.45
CA GLU B 85 -0.76 4.43 -4.15
C GLU B 85 -2.20 3.96 -4.24
N ILE B 86 -2.49 2.84 -3.57
CA ILE B 86 -3.79 2.18 -3.67
C ILE B 86 -4.67 2.72 -2.56
N PRO B 87 -5.74 3.44 -2.86
CA PRO B 87 -6.59 3.98 -1.80
C PRO B 87 -7.18 2.84 -0.99
N GLN B 88 -7.36 3.07 0.31
CA GLN B 88 -8.04 2.08 1.15
C GLN B 88 -9.47 2.48 1.46
N TYR B 89 -9.98 3.55 0.86
CA TYR B 89 -11.39 3.88 0.91
C TYR B 89 -11.76 4.47 -0.44
N PHE B 90 -13.05 4.51 -0.75
CA PHE B 90 -13.50 5.21 -1.94
C PHE B 90 -13.66 6.69 -1.62
N ASP B 91 -13.18 7.55 -2.52
CA ASP B 91 -13.53 8.95 -2.55
C ASP B 91 -14.57 9.10 -3.65
N VAL B 92 -15.74 9.61 -3.33
CA VAL B 92 -16.78 9.81 -4.33
C VAL B 92 -17.38 11.19 -4.12
N THR B 93 -17.85 11.78 -5.21
CA THR B 93 -18.53 13.09 -5.20
C THR B 93 -19.96 12.89 -5.72
N VAL B 94 -20.92 13.44 -4.97
CA VAL B 94 -22.33 13.36 -5.31
C VAL B 94 -22.91 14.77 -5.18
N PRO B 95 -24.09 14.98 -5.72
CA PRO B 95 -24.77 16.28 -5.56
C PRO B 95 -25.15 16.53 -4.13
N ARG B 96 -25.13 17.82 -3.76
CA ARG B 96 -25.60 18.25 -2.45
C ARG B 96 -26.97 17.64 -2.19
N GLY B 97 -27.16 17.16 -0.96
CA GLY B 97 -28.44 16.59 -0.56
C GLY B 97 -28.59 15.11 -0.86
N TYR B 98 -27.65 14.51 -1.58
CA TYR B 98 -27.73 13.09 -1.87
C TYR B 98 -27.46 12.29 -0.61
N ARG B 99 -28.30 11.30 -0.34
CA ARG B 99 -28.10 10.42 0.80
C ARG B 99 -27.91 9.00 0.28
N PHE B 100 -26.91 8.29 0.78
CA PHE B 100 -26.69 6.91 0.32
C PHE B 100 -27.65 5.97 1.03
N ASN B 101 -28.29 5.10 0.26
CA ASN B 101 -29.14 4.06 0.83
C ASN B 101 -28.25 2.89 1.20
N THR B 102 -28.04 2.68 2.51
CA THR B 102 -27.24 1.59 3.03
C THR B 102 -25.87 1.51 2.40
N PRO B 103 -25.03 2.52 2.61
CA PRO B 103 -23.70 2.55 1.99
C PRO B 103 -22.73 1.65 2.71
N PRO B 104 -21.60 1.32 2.09
CA PRO B 104 -20.48 0.73 2.83
C PRO B 104 -19.79 1.76 3.71
N ALA B 105 -19.01 1.22 4.65
CA ALA B 105 -18.30 1.91 5.75
C ALA B 105 -17.02 2.62 5.28
N ASN B 106 -16.32 2.09 4.28
CA ASN B 106 -15.04 2.67 3.75
C ASN B 106 -15.35 3.68 2.63
N LEU B 107 -16.02 4.79 2.98
CA LEU B 107 -16.57 5.76 2.03
C LEU B 107 -16.33 7.20 2.51
N ASN B 108 -15.62 7.96 1.71
CA ASN B 108 -15.38 9.37 1.93
C ASN B 108 -16.21 10.14 0.90
N ILE B 109 -17.28 10.80 1.37
CA ILE B 109 -18.25 11.43 0.49
C ILE B 109 -17.96 12.93 0.40
N HIS B 110 -17.95 13.45 -0.82
CA HIS B 110 -17.79 14.87 -1.12
C HIS B 110 -19.06 15.38 -1.80
N PHE B 111 -19.58 16.51 -1.35
CA PHE B 111 -20.80 17.08 -1.91
C PHE B 111 -20.46 18.33 -2.73
N VAL B 112 -21.01 18.43 -3.93
CA VAL B 112 -20.87 19.64 -4.74
C VAL B 112 -22.24 20.05 -5.28
N SER B 113 -22.36 21.32 -5.62
CA SER B 113 -23.60 21.77 -6.22
C SER B 113 -23.85 21.01 -7.50
N LYS B 114 -25.13 20.88 -7.83
CA LYS B 114 -25.51 20.12 -9.03
C LYS B 114 -24.86 20.67 -10.28
N GLU B 115 -24.57 21.98 -10.33
CA GLU B 115 -23.99 22.53 -11.55
C GLU B 115 -22.59 21.97 -11.81
N TYR B 116 -21.89 21.50 -10.78
CA TYR B 116 -20.54 20.94 -10.93
C TYR B 116 -20.53 19.41 -10.90
N SER B 117 -21.67 18.77 -10.69
CA SER B 117 -21.67 17.34 -10.37
C SER B 117 -20.98 16.52 -11.46
N GLU B 118 -21.09 16.93 -12.73
CA GLU B 118 -20.47 16.23 -13.84
C GLU B 118 -19.39 17.02 -14.56
N LEU B 119 -18.92 18.10 -13.97
CA LEU B 119 -17.89 18.90 -14.62
C LEU B 119 -16.57 18.15 -14.57
N GLY B 120 -16.03 17.86 -15.74
CA GLY B 120 -14.82 17.04 -15.86
C GLY B 120 -15.07 15.55 -15.76
N MET B 121 -16.33 15.11 -15.85
CA MET B 121 -16.61 13.69 -15.75
C MET B 121 -16.16 12.99 -17.02
N THR B 122 -15.54 11.83 -16.85
CA THR B 122 -15.06 11.02 -17.96
C THR B 122 -15.14 9.57 -17.50
N THR B 123 -14.94 8.64 -18.45
CA THR B 123 -15.14 7.22 -18.21
C THR B 123 -13.82 6.49 -18.46
N VAL B 124 -13.42 5.67 -17.50
CA VAL B 124 -12.19 4.90 -17.63
C VAL B 124 -12.41 3.52 -17.09
N PRO B 125 -11.60 2.55 -17.54
CA PRO B 125 -11.73 1.20 -16.99
C PRO B 125 -11.10 1.11 -15.63
N THR B 126 -11.69 0.29 -14.80
CA THR B 126 -11.18 -0.10 -13.50
C THR B 126 -9.99 -1.05 -13.62
N PRO B 127 -9.37 -1.41 -12.52
CA PRO B 127 -8.33 -2.46 -12.57
C PRO B 127 -8.86 -3.79 -13.05
N MET B 128 -10.16 -4.05 -12.92
CA MET B 128 -10.77 -5.27 -13.43
C MET B 128 -11.29 -5.10 -14.87
N GLY B 129 -11.10 -3.96 -15.49
CA GLY B 129 -11.48 -3.79 -16.88
C GLY B 129 -12.90 -3.28 -17.16
N ASN B 130 -13.66 -2.89 -16.15
CA ASN B 130 -15.01 -2.38 -16.34
C ASN B 130 -15.04 -0.85 -16.27
N ASN B 131 -15.95 -0.25 -17.03
CA ASN B 131 -15.95 1.21 -17.12
C ASN B 131 -16.65 1.85 -15.94
N VAL B 132 -16.01 2.89 -15.37
CA VAL B 132 -16.63 3.70 -14.33
C VAL B 132 -16.44 5.18 -14.65
N ARG B 133 -17.28 6.00 -14.03
CA ARG B 133 -17.24 7.44 -14.20
C ARG B 133 -16.36 8.05 -13.11
N VAL B 134 -15.45 8.92 -13.54
CA VAL B 134 -14.44 9.54 -12.68
C VAL B 134 -14.27 10.97 -13.12
N TYR B 135 -13.64 11.77 -12.26
CA TYR B 135 -13.26 13.12 -12.63
C TYR B 135 -11.88 13.10 -13.29
N ASP B 136 -11.73 13.87 -14.39
CA ASP B 136 -10.46 13.90 -15.11
C ASP B 136 -9.41 14.69 -14.29
N PHE B 137 -8.15 14.65 -14.76
CA PHE B 137 -7.06 15.24 -13.97
C PHE B 137 -7.31 16.72 -13.70
N GLU B 138 -7.77 17.47 -14.71
CA GLU B 138 -8.00 18.88 -14.51
C GLU B 138 -9.03 19.15 -13.40
N ARG B 139 -10.13 18.40 -13.36
CA ARG B 139 -11.13 18.61 -12.32
C ARG B 139 -10.57 18.24 -10.95
N ILE B 140 -9.78 17.17 -10.89
CA ILE B 140 -9.17 16.77 -9.63
C ILE B 140 -8.28 17.91 -9.11
N ILE B 141 -7.51 18.54 -10.01
CA ILE B 141 -6.62 19.63 -9.57
C ILE B 141 -7.45 20.80 -9.04
N CYS B 142 -8.53 21.17 -9.72
CA CYS B 142 -9.45 22.18 -9.14
C CYS B 142 -9.91 21.82 -7.74
N ASP B 143 -10.39 20.57 -7.56
CA ASP B 143 -10.86 20.12 -6.25
C ASP B 143 -9.76 20.25 -5.21
N PHE B 144 -8.56 19.78 -5.54
CA PHE B 144 -7.45 19.83 -4.61
C PHE B 144 -7.13 21.26 -4.22
N VAL B 145 -7.10 22.16 -5.20
CA VAL B 145 -6.73 23.54 -4.90
C VAL B 145 -7.81 24.20 -4.06
N ILE B 146 -9.08 23.99 -4.41
CA ILE B 146 -10.16 24.55 -3.61
C ILE B 146 -10.02 24.12 -2.16
N HIS B 147 -9.65 22.89 -1.93
CA HIS B 147 -9.61 22.33 -0.57
C HIS B 147 -8.19 22.17 -0.06
N ARG B 148 -7.23 22.93 -0.61
CA ARG B 148 -5.85 22.82 -0.20
C ARG B 148 -5.69 22.83 1.32
N GLU B 149 -6.46 23.70 2.00
CA GLU B 149 -6.31 23.89 3.45
C GLU B 149 -6.70 22.66 4.25
N LYS B 150 -7.43 21.72 3.64
CA LYS B 150 -7.95 20.54 4.31
C LYS B 150 -7.32 19.23 3.81
N ILE B 151 -6.31 19.30 2.95
CA ILE B 151 -5.70 18.11 2.37
C ILE B 151 -4.27 17.99 2.90
N ASP B 152 -3.90 16.77 3.29
CA ASP B 152 -2.53 16.44 3.68
C ASP B 152 -1.50 17.07 2.74
N SER B 153 -0.50 17.75 3.32
CA SER B 153 0.47 18.47 2.51
C SER B 153 1.27 17.55 1.58
N GLU B 154 1.70 16.39 2.06
CA GLU B 154 2.46 15.50 1.18
C GLU B 154 1.58 15.01 0.02
N LEU B 155 0.32 14.70 0.29
CA LEU B 155 -0.59 14.26 -0.77
C LEU B 155 -0.86 15.40 -1.74
N PHE B 156 -1.11 16.61 -1.22
CA PHE B 156 -1.35 17.75 -2.09
C PHE B 156 -0.19 17.97 -3.04
N VAL B 157 1.02 17.93 -2.51
CA VAL B 157 2.18 18.23 -3.30
C VAL B 157 2.45 17.10 -4.30
N LYS B 158 2.35 15.84 -3.85
CA LYS B 158 2.52 14.71 -4.75
C LYS B 158 1.58 14.81 -5.95
N THR B 159 0.31 15.18 -5.68
CA THR B 159 -0.70 15.24 -6.72
C THR B 159 -0.42 16.38 -7.70
N LEU B 160 -0.06 17.55 -7.19
CA LEU B 160 0.24 18.66 -8.10
C LEU B 160 1.49 18.37 -8.91
N GLN B 161 2.50 17.76 -8.29
CA GLN B 161 3.69 17.37 -9.04
C GLN B 161 3.35 16.34 -10.12
N SER B 162 2.45 15.41 -9.81
CA SER B 162 2.03 14.44 -10.82
C SER B 162 1.38 15.13 -12.00
N TYR B 163 0.60 16.21 -11.75
CA TYR B 163 0.01 16.93 -12.87
C TYR B 163 1.09 17.66 -13.67
N GLY B 164 2.06 18.28 -12.97
CA GLY B 164 3.16 18.94 -13.67
C GLY B 164 3.88 17.99 -14.63
N ASN B 165 4.01 16.74 -14.23
CA ASN B 165 4.67 15.72 -15.03
C ASN B 165 3.74 15.03 -16.03
N TYR B 166 2.47 15.43 -16.11
CA TYR B 166 1.46 14.80 -16.96
C TYR B 166 1.62 15.30 -18.40
N PRO B 167 2.06 14.47 -19.35
CA PRO B 167 2.30 14.98 -20.71
C PRO B 167 1.05 15.43 -21.42
N LYS B 168 -0.10 14.84 -21.09
CA LYS B 168 -1.36 15.18 -21.73
C LYS B 168 -2.14 16.26 -20.98
N LYS B 169 -1.47 17.08 -20.19
CA LYS B 169 -2.18 18.12 -19.45
C LYS B 169 -2.83 19.10 -20.43
N ASN B 170 -4.03 19.55 -20.07
CA ASN B 170 -4.81 20.50 -20.87
C ASN B 170 -5.09 21.74 -20.02
N LEU B 171 -4.20 22.73 -20.13
CA LEU B 171 -4.30 23.87 -19.24
C LEU B 171 -5.49 24.75 -19.56
N ALA B 172 -5.87 24.85 -20.83
CA ALA B 172 -7.04 25.63 -21.20
C ALA B 172 -8.29 25.06 -20.56
N LYS B 173 -8.44 23.74 -20.63
CA LYS B 173 -9.52 23.08 -19.92
C LYS B 173 -9.43 23.34 -18.41
N LEU B 174 -8.22 23.22 -17.85
CA LEU B 174 -8.04 23.51 -16.43
C LEU B 174 -8.58 24.88 -16.06
N TYR B 175 -8.21 25.91 -16.85
CA TYR B 175 -8.64 27.26 -16.51
C TYR B 175 -10.13 27.41 -16.71
N GLU B 176 -10.68 26.72 -17.70
CA GLU B 176 -12.12 26.75 -17.92
C GLU B 176 -12.86 26.17 -16.71
N TYR B 177 -12.48 24.96 -16.28
CA TYR B 177 -13.10 24.41 -15.08
C TYR B 177 -12.96 25.37 -13.91
N ALA B 178 -11.75 25.91 -13.73
CA ALA B 178 -11.46 26.73 -12.56
C ALA B 178 -12.27 28.01 -12.57
N THR B 179 -12.48 28.61 -13.74
CA THR B 179 -13.38 29.75 -13.81
C THR B 179 -14.79 29.36 -13.41
N LYS B 180 -15.29 28.23 -13.95
CA LYS B 180 -16.64 27.82 -13.60
C LYS B 180 -16.78 27.54 -12.11
N MET B 181 -15.72 27.03 -11.49
CA MET B 181 -15.74 26.72 -10.06
C MET B 181 -15.24 27.86 -9.19
N ASN B 182 -15.01 29.05 -9.77
CA ASN B 182 -14.67 30.24 -9.01
C ASN B 182 -13.36 30.10 -8.22
N THR B 183 -12.35 29.51 -8.83
CA THR B 183 -11.09 29.25 -8.13
C THR B 183 -9.91 29.45 -9.07
N LEU B 184 -10.07 30.24 -10.13
CA LEU B 184 -9.02 30.40 -11.13
C LEU B 184 -7.75 31.00 -10.55
N GLU B 185 -7.87 32.09 -9.78
CA GLU B 185 -6.63 32.72 -9.29
C GLU B 185 -5.87 31.80 -8.33
N LYS B 186 -6.59 31.14 -7.42
CA LYS B 186 -5.93 30.20 -6.51
C LYS B 186 -5.25 29.06 -7.28
N VAL B 187 -5.87 28.58 -8.37
CA VAL B 187 -5.22 27.58 -9.19
C VAL B 187 -3.93 28.11 -9.82
N LYS B 188 -3.99 29.31 -10.42
CA LYS B 188 -2.78 29.87 -11.04
C LYS B 188 -1.65 30.02 -10.02
N GLN B 189 -1.97 30.56 -8.84
CA GLN B 189 -0.97 30.71 -7.78
C GLN B 189 -0.35 29.37 -7.39
N THR B 190 -1.14 28.31 -7.37
CA THR B 190 -0.62 27.01 -6.98
C THR B 190 0.30 26.45 -8.06
N LEU B 191 -0.13 26.54 -9.32
CA LEU B 191 0.66 26.01 -10.42
C LEU B 191 2.00 26.72 -10.52
N GLU B 192 1.97 28.03 -10.37
CA GLU B 192 3.21 28.83 -10.39
C GLU B 192 4.27 28.27 -9.44
N VAL B 193 3.87 27.79 -8.26
CA VAL B 193 4.88 27.28 -7.33
C VAL B 193 5.15 25.78 -7.43
N LEU B 194 4.18 24.99 -7.91
CA LEU B 194 4.34 23.54 -7.82
C LEU B 194 4.75 22.85 -9.12
N ILE B 195 4.52 23.44 -10.29
CA ILE B 195 4.89 22.76 -11.54
C ILE B 195 5.75 23.66 -12.43
N SER C 1 -6.48 -14.80 -3.29
CA SER C 1 -7.62 -13.88 -3.21
C SER C 1 -8.25 -13.94 -1.83
N LYS C 2 -8.83 -12.80 -1.41
CA LYS C 2 -9.63 -12.78 -0.20
C LYS C 2 -10.75 -13.80 -0.26
N LYS C 3 -11.34 -13.99 -1.44
CA LYS C 3 -12.46 -14.93 -1.55
C LYS C 3 -11.97 -16.34 -1.23
N GLU C 4 -10.77 -16.70 -1.72
CA GLU C 4 -10.24 -18.02 -1.42
C GLU C 4 -9.90 -18.18 0.06
N ILE C 5 -9.37 -17.13 0.68
CA ILE C 5 -9.09 -17.16 2.11
C ILE C 5 -10.36 -17.28 2.92
N LEU C 6 -11.43 -16.58 2.53
CA LEU C 6 -12.71 -16.75 3.22
C LEU C 6 -13.23 -18.18 3.08
N LEU C 7 -13.22 -18.74 1.87
CA LEU C 7 -13.70 -20.11 1.70
C LEU C 7 -12.90 -21.11 2.53
N ASP C 8 -11.58 -20.90 2.66
CA ASP C 8 -10.76 -21.72 3.53
C ASP C 8 -11.19 -21.63 4.96
N PHE C 9 -11.44 -20.40 5.44
CA PHE C 9 -11.89 -20.23 6.81
C PHE C 9 -13.20 -20.96 7.05
N ILE C 10 -14.13 -20.84 6.09
CA ILE C 10 -15.44 -21.49 6.24
C ILE C 10 -15.27 -22.99 6.41
N GLU C 11 -14.41 -23.60 5.61
CA GLU C 11 -14.15 -25.02 5.75
C GLU C 11 -13.55 -25.34 7.11
N LYS C 12 -12.53 -24.60 7.53
CA LYS C 12 -11.94 -24.82 8.85
C LYS C 12 -12.96 -24.67 9.96
N ASN C 13 -13.93 -23.76 9.77
CA ASN C 13 -14.96 -23.46 10.75
C ASN C 13 -16.20 -24.36 10.58
N ASN C 14 -16.06 -25.45 9.87
CA ASN C 14 -17.09 -26.49 9.77
C ASN C 14 -18.34 -25.99 9.05
N GLY C 15 -18.12 -25.14 8.04
CA GLY C 15 -19.22 -24.70 7.23
C GLY C 15 -20.12 -23.68 7.89
N ILE C 16 -19.61 -22.98 8.89
CA ILE C 16 -20.31 -21.91 9.58
C ILE C 16 -19.50 -20.63 9.42
N VAL C 17 -20.18 -19.51 9.16
CA VAL C 17 -19.45 -18.23 9.10
C VAL C 17 -20.40 -17.08 9.43
N THR C 18 -19.88 -16.10 10.15
CA THR C 18 -20.68 -14.93 10.54
C THR C 18 -20.06 -13.65 10.00
N ASN C 19 -20.86 -12.56 10.00
CA ASN C 19 -20.31 -11.26 9.62
C ASN C 19 -19.10 -10.93 10.49
N LYS C 20 -19.20 -11.23 11.78
CA LYS C 20 -18.11 -10.88 12.67
C LYS C 20 -16.84 -11.67 12.35
N ASP C 21 -16.97 -12.95 11.95
CA ASP C 21 -15.80 -13.71 11.52
C ASP C 21 -15.15 -13.02 10.32
N CYS C 22 -16.00 -12.70 9.34
CA CYS C 22 -15.64 -12.05 8.06
C CYS C 22 -14.83 -10.78 8.36
N LYS C 23 -15.33 -9.92 9.25
CA LYS C 23 -14.66 -8.68 9.61
C LYS C 23 -13.34 -8.93 10.35
N ALA C 24 -13.32 -9.91 11.26
CA ALA C 24 -12.11 -10.17 12.00
C ALA C 24 -10.99 -10.70 11.11
N LEU C 25 -11.33 -11.39 10.01
CA LEU C 25 -10.34 -11.83 9.05
C LEU C 25 -9.78 -10.71 8.18
N GLY C 26 -10.43 -9.55 8.17
CA GLY C 26 -10.05 -8.46 7.29
C GLY C 26 -10.72 -8.45 5.94
N ILE C 27 -11.80 -9.19 5.80
CA ILE C 27 -12.47 -9.41 4.52
C ILE C 27 -13.80 -8.68 4.52
N PRO C 28 -14.14 -8.01 3.43
CA PRO C 28 -15.37 -7.22 3.39
C PRO C 28 -16.58 -8.11 3.64
N THR C 29 -17.51 -7.64 4.50
CA THR C 29 -18.65 -8.50 4.82
C THR C 29 -19.58 -8.68 3.64
N ILE C 30 -19.51 -7.79 2.64
CA ILE C 30 -20.26 -7.96 1.41
C ILE C 30 -19.89 -9.26 0.69
N TYR C 31 -18.71 -9.82 0.97
CA TYR C 31 -18.37 -11.15 0.43
C TYR C 31 -19.39 -12.21 0.82
N LEU C 32 -19.96 -12.10 2.03
CA LEU C 32 -20.91 -13.13 2.43
C LEU C 32 -22.20 -13.05 1.60
N THR C 33 -22.66 -11.83 1.34
CA THR C 33 -23.81 -11.60 0.45
C THR C 33 -23.53 -12.14 -0.93
N ARG C 34 -22.32 -11.92 -1.43
CA ARG C 34 -21.98 -12.43 -2.75
C ARG C 34 -21.92 -13.96 -2.79
N LEU C 35 -21.37 -14.58 -1.75
CA LEU C 35 -21.35 -16.04 -1.73
C LEU C 35 -22.76 -16.61 -1.58
N GLU C 36 -23.63 -15.89 -0.88
CA GLU C 36 -25.01 -16.28 -0.77
C GLU C 36 -25.68 -16.23 -2.14
N LYS C 37 -25.49 -15.11 -2.85
CA LYS C 37 -26.10 -15.01 -4.18
C LYS C 37 -25.55 -16.04 -5.14
N GLU C 38 -24.26 -16.41 -5.00
CA GLU C 38 -23.65 -17.46 -5.80
C GLU C 38 -24.18 -18.85 -5.47
N GLY C 39 -24.71 -19.05 -4.28
CA GLY C 39 -25.26 -20.32 -3.87
C GLY C 39 -24.35 -21.16 -3.03
N ILE C 40 -23.23 -20.61 -2.55
CA ILE C 40 -22.29 -21.37 -1.73
C ILE C 40 -22.69 -21.38 -0.28
N ILE C 41 -23.30 -20.30 0.23
CA ILE C 41 -23.70 -20.29 1.63
C ILE C 41 -25.15 -19.78 1.68
N PHE C 42 -25.75 -19.97 2.84
CA PHE C 42 -27.18 -19.77 3.05
C PHE C 42 -27.39 -19.06 4.37
N ARG C 43 -28.20 -18.00 4.37
CA ARG C 43 -28.44 -17.24 5.59
C ARG C 43 -29.36 -18.02 6.52
N VAL C 44 -28.88 -18.34 7.71
CA VAL C 44 -29.72 -19.07 8.65
C VAL C 44 -30.26 -18.16 9.75
N GLU C 45 -29.50 -17.12 10.10
CA GLU C 45 -29.97 -16.06 10.99
C GLU C 45 -29.33 -14.78 10.50
N LYS C 46 -29.76 -13.64 11.06
CA LYS C 46 -29.13 -12.37 10.71
C LYS C 46 -27.63 -12.45 11.01
N GLY C 47 -26.80 -12.21 9.99
CA GLY C 47 -25.35 -12.32 10.14
C GLY C 47 -24.75 -13.71 10.26
N ILE C 48 -25.53 -14.80 10.12
CA ILE C 48 -25.01 -16.16 10.27
C ILE C 48 -25.32 -16.98 9.03
N PHE C 49 -24.29 -17.58 8.46
CA PHE C 49 -24.44 -18.32 7.22
C PHE C 49 -23.89 -19.73 7.35
N LEU C 50 -24.52 -20.66 6.63
CA LEU C 50 -24.08 -22.04 6.51
C LEU C 50 -23.81 -22.42 5.07
N THR C 51 -22.82 -23.32 4.89
CA THR C 51 -22.67 -24.04 3.62
C THR C 51 -23.78 -25.08 3.50
N GLN C 52 -23.75 -25.86 2.41
CA GLN C 52 -24.71 -26.94 2.22
C GLN C 52 -24.69 -27.90 3.41
N ASN C 53 -23.53 -28.07 4.06
CA ASN C 53 -23.41 -29.07 5.11
C ASN C 53 -23.20 -28.49 6.51
N GLY C 54 -23.06 -27.18 6.65
CA GLY C 54 -22.88 -26.60 7.98
C GLY C 54 -24.02 -26.94 8.92
N ASP C 55 -23.66 -27.16 10.19
CA ASP C 55 -24.62 -27.57 11.23
C ASP C 55 -25.06 -26.33 12.05
N TYR C 56 -26.12 -26.51 12.84
CA TYR C 56 -26.74 -25.41 13.61
C TYR C 56 -26.23 -25.48 15.04
N ASP C 57 -25.51 -24.46 15.51
CA ASP C 57 -25.03 -24.42 16.90
C ASP C 57 -26.06 -23.63 17.72
N GLU C 58 -26.92 -24.34 18.46
CA GLU C 58 -28.05 -23.67 19.14
C GLU C 58 -27.58 -22.63 20.14
N TYR C 59 -26.48 -22.89 20.84
CA TYR C 59 -26.02 -21.97 21.86
C TYR C 59 -25.36 -20.75 21.22
N TYR C 60 -24.42 -20.99 20.29
CA TYR C 60 -23.68 -19.89 19.69
C TYR C 60 -24.59 -19.00 18.86
N PHE C 61 -25.47 -19.61 18.05
CA PHE C 61 -26.29 -18.81 17.14
C PHE C 61 -27.27 -17.96 17.95
N PHE C 62 -27.77 -18.51 19.05
CA PHE C 62 -28.64 -17.73 19.92
C PHE C 62 -27.93 -16.49 20.44
N GLN C 63 -26.76 -16.66 21.04
CA GLN C 63 -26.04 -15.53 21.60
C GLN C 63 -25.53 -14.60 20.51
N TYR C 64 -25.20 -15.13 19.33
CA TYR C 64 -24.84 -14.24 18.22
C TYR C 64 -25.99 -13.29 17.88
N ARG C 65 -27.21 -13.82 17.85
CA ARG C 65 -28.40 -13.03 17.58
C ARG C 65 -28.68 -12.03 18.69
N PHE C 66 -28.45 -12.42 19.94
CA PHE C 66 -28.79 -11.62 21.12
C PHE C 66 -27.54 -11.53 21.99
N PRO C 67 -26.59 -10.67 21.61
CA PRO C 67 -25.30 -10.65 22.31
C PRO C 67 -25.36 -10.19 23.75
N LYS C 68 -26.40 -9.48 24.17
CA LYS C 68 -26.50 -9.15 25.58
C LYS C 68 -26.97 -10.31 26.45
N ALA C 69 -27.43 -11.41 25.86
CA ALA C 69 -27.96 -12.55 26.62
C ALA C 69 -26.79 -13.43 27.04
N ILE C 70 -26.43 -13.38 28.31
CA ILE C 70 -25.32 -14.17 28.84
C ILE C 70 -25.89 -15.45 29.42
N PHE C 71 -25.28 -16.59 29.10
CA PHE C 71 -25.82 -17.86 29.58
C PHE C 71 -25.60 -17.96 31.08
N SER C 72 -26.64 -18.38 31.78
CA SER C 72 -26.65 -18.35 33.25
C SER C 72 -27.27 -19.65 33.74
N TYR C 73 -27.41 -19.76 35.06
CA TYR C 73 -28.00 -20.94 35.71
C TYR C 73 -27.63 -22.23 34.99
N ILE C 74 -28.63 -22.99 34.52
CA ILE C 74 -28.37 -24.34 34.02
C ILE C 74 -27.58 -24.30 32.72
N SER C 75 -27.73 -23.25 31.91
CA SER C 75 -26.97 -23.17 30.67
C SER C 75 -25.49 -22.97 30.98
N ALA C 76 -25.21 -22.04 31.89
CA ALA C 76 -23.83 -21.82 32.28
C ALA C 76 -23.23 -23.06 32.95
N LEU C 77 -24.00 -23.76 33.78
CA LEU C 77 -23.51 -25.00 34.37
C LEU C 77 -23.17 -26.02 33.28
N TYR C 78 -24.07 -26.20 32.31
CA TYR C 78 -23.88 -27.18 31.26
C TYR C 78 -22.68 -26.86 30.40
N LEU C 79 -22.58 -25.60 29.93
CA LEU C 79 -21.53 -25.25 29.00
C LEU C 79 -20.15 -25.40 29.63
N GLN C 80 -20.04 -25.29 30.94
CA GLN C 80 -18.78 -25.42 31.64
C GLN C 80 -18.58 -26.82 32.23
N GLN C 81 -19.49 -27.75 31.93
CA GLN C 81 -19.40 -29.13 32.42
C GLN C 81 -19.43 -29.22 33.94
N PHE C 82 -20.18 -28.31 34.57
CA PHE C 82 -20.46 -28.36 36.00
C PHE C 82 -21.72 -29.17 36.33
N THR C 83 -22.40 -29.73 35.35
CA THR C 83 -23.50 -30.65 35.58
C THR C 83 -23.39 -31.73 34.53
N ASP C 84 -23.96 -32.90 34.83
CA ASP C 84 -24.06 -34.00 33.88
C ASP C 84 -25.39 -34.03 33.17
N GLU C 85 -26.32 -33.14 33.52
CA GLU C 85 -27.59 -33.09 32.81
C GLU C 85 -27.44 -32.30 31.52
N ILE C 86 -28.20 -32.70 30.52
CA ILE C 86 -28.24 -32.00 29.24
C ILE C 86 -29.53 -31.19 29.20
N PRO C 87 -29.48 -29.88 29.45
CA PRO C 87 -30.72 -29.10 29.56
C PRO C 87 -31.51 -29.11 28.26
N GLN C 88 -32.84 -29.03 28.39
CA GLN C 88 -33.72 -28.94 27.23
C GLN C 88 -34.29 -27.55 27.06
N TYR C 89 -33.72 -26.56 27.74
CA TYR C 89 -34.12 -25.17 27.69
C TYR C 89 -32.88 -24.33 27.99
N PHE C 90 -32.94 -23.04 27.64
CA PHE C 90 -31.88 -22.08 27.94
C PHE C 90 -32.24 -21.23 29.16
N ASP C 91 -31.24 -20.91 29.98
CA ASP C 91 -31.30 -19.85 30.96
C ASP C 91 -30.38 -18.73 30.49
N VAL C 92 -30.89 -17.52 30.38
CA VAL C 92 -30.02 -16.39 30.06
C VAL C 92 -30.32 -15.25 31.02
N THR C 93 -29.32 -14.39 31.21
CA THR C 93 -29.47 -13.19 32.03
C THR C 93 -29.17 -11.95 31.18
N VAL C 94 -30.06 -10.96 31.27
CA VAL C 94 -29.94 -9.73 30.48
C VAL C 94 -30.22 -8.56 31.41
N PRO C 95 -29.83 -7.36 31.00
CA PRO C 95 -30.13 -6.17 31.81
C PRO C 95 -31.61 -5.90 31.81
N ARG C 96 -32.05 -5.16 32.84
CA ARG C 96 -33.45 -4.78 33.04
C ARG C 96 -33.89 -3.99 31.79
N GLY C 97 -34.99 -4.38 31.15
CA GLY C 97 -35.52 -3.72 29.97
C GLY C 97 -35.26 -4.44 28.67
N TYR C 98 -34.29 -5.35 28.61
CA TYR C 98 -33.97 -6.02 27.38
C TYR C 98 -35.14 -6.85 26.88
N ARG C 99 -35.37 -6.81 25.58
CA ARG C 99 -36.46 -7.57 24.97
C ARG C 99 -35.93 -8.37 23.79
N PHE C 100 -36.44 -9.59 23.63
CA PHE C 100 -36.04 -10.50 22.56
C PHE C 100 -37.05 -10.44 21.40
N ASN C 101 -36.53 -10.26 20.20
CA ASN C 101 -37.30 -10.30 18.96
C ASN C 101 -37.31 -11.76 18.48
N THR C 102 -38.43 -12.43 18.65
CA THR C 102 -38.63 -13.81 18.20
C THR C 102 -37.63 -14.77 18.83
N PRO C 103 -37.67 -14.95 20.15
CA PRO C 103 -36.73 -15.88 20.80
C PRO C 103 -37.12 -17.32 20.53
N PRO C 104 -36.25 -18.28 20.83
CA PRO C 104 -36.71 -19.68 20.93
C PRO C 104 -37.68 -19.83 22.08
N ALA C 105 -38.43 -20.93 22.04
CA ALA C 105 -39.55 -21.22 22.97
C ALA C 105 -39.10 -21.75 24.32
N ASN C 106 -38.03 -22.53 24.40
CA ASN C 106 -37.60 -23.08 25.70
C ASN C 106 -36.50 -22.16 26.23
N LEU C 107 -36.90 -20.95 26.60
CA LEU C 107 -36.01 -19.84 27.04
C LEU C 107 -36.52 -19.18 28.34
N ASN C 108 -35.75 -19.27 29.45
CA ASN C 108 -36.01 -18.58 30.70
C ASN C 108 -35.12 -17.35 30.74
N ILE C 109 -35.75 -16.20 30.89
CA ILE C 109 -35.07 -14.91 30.87
C ILE C 109 -34.99 -14.39 32.29
N HIS C 110 -33.78 -14.08 32.73
CA HIS C 110 -33.53 -13.48 34.04
C HIS C 110 -33.03 -12.06 33.87
N PHE C 111 -33.62 -11.14 34.63
CA PHE C 111 -33.27 -9.73 34.56
C PHE C 111 -32.42 -9.36 35.74
N VAL C 112 -31.35 -8.60 35.50
CA VAL C 112 -30.54 -8.04 36.57
C VAL C 112 -30.24 -6.58 36.24
N SER C 113 -29.83 -5.83 37.25
CA SER C 113 -29.45 -4.44 37.01
C SER C 113 -28.23 -4.40 36.08
N LYS C 114 -28.14 -3.33 35.29
CA LYS C 114 -27.03 -3.19 34.37
C LYS C 114 -25.69 -3.40 35.08
N GLU C 115 -25.56 -2.91 36.32
CA GLU C 115 -24.27 -3.01 37.00
C GLU C 115 -23.84 -4.47 37.20
N TYR C 116 -24.79 -5.39 37.27
CA TYR C 116 -24.47 -6.79 37.48
C TYR C 116 -24.46 -7.60 36.20
N SER C 117 -24.78 -6.99 35.06
CA SER C 117 -25.09 -7.79 33.88
C SER C 117 -23.87 -8.58 33.39
N GLU C 118 -22.66 -8.08 33.59
CA GLU C 118 -21.48 -8.82 33.12
C GLU C 118 -20.60 -9.30 34.27
N LEU C 119 -21.08 -9.25 35.49
CA LEU C 119 -20.25 -9.62 36.63
C LEU C 119 -20.07 -11.13 36.67
N GLY C 120 -18.82 -11.57 36.57
CA GLY C 120 -18.51 -12.99 36.51
C GLY C 120 -18.57 -13.58 35.14
N MET C 121 -18.58 -12.74 34.10
CA MET C 121 -18.69 -13.22 32.74
C MET C 121 -17.37 -13.80 32.29
N THR C 122 -17.45 -14.95 31.63
CA THR C 122 -16.26 -15.58 31.04
C THR C 122 -16.70 -16.27 29.77
N THR C 123 -15.73 -16.78 29.02
CA THR C 123 -15.96 -17.33 27.68
C THR C 123 -15.53 -18.78 27.66
N VAL C 124 -16.37 -19.63 27.08
CA VAL C 124 -16.09 -21.05 26.89
C VAL C 124 -16.65 -21.51 25.55
N PRO C 125 -16.09 -22.60 25.00
CA PRO C 125 -16.68 -23.18 23.79
C PRO C 125 -17.92 -23.98 24.07
N THR C 126 -18.86 -23.90 23.13
CA THR C 126 -20.04 -24.75 23.08
C THR C 126 -19.62 -26.19 22.75
N PRO C 127 -20.53 -27.14 22.83
CA PRO C 127 -20.24 -28.50 22.37
C PRO C 127 -19.74 -28.60 20.93
N MET C 128 -20.09 -27.62 20.08
CA MET C 128 -19.61 -27.58 18.71
C MET C 128 -18.39 -26.70 18.50
N GLY C 129 -17.77 -26.22 19.57
CA GLY C 129 -16.47 -25.55 19.52
C GLY C 129 -16.46 -24.06 19.33
N ASN C 130 -17.60 -23.39 19.45
CA ASN C 130 -17.75 -21.96 19.21
C ASN C 130 -17.86 -21.21 20.55
N ASN C 131 -17.14 -20.10 20.66
CA ASN C 131 -17.05 -19.38 21.92
C ASN C 131 -18.35 -18.67 22.27
N VAL C 132 -18.78 -18.83 23.51
CA VAL C 132 -19.93 -18.10 24.02
C VAL C 132 -19.62 -17.56 25.41
N ARG C 133 -20.39 -16.55 25.81
CA ARG C 133 -20.21 -15.91 27.11
C ARG C 133 -21.19 -16.46 28.14
N VAL C 134 -20.67 -16.77 29.33
CA VAL C 134 -21.39 -17.51 30.35
C VAL C 134 -20.97 -16.91 31.69
N TYR C 135 -21.78 -17.13 32.73
CA TYR C 135 -21.35 -16.78 34.08
C TYR C 135 -20.47 -17.89 34.67
N ASP C 136 -19.37 -17.49 35.29
CA ASP C 136 -18.46 -18.42 35.96
C ASP C 136 -19.12 -19.02 37.19
N PHE C 137 -18.46 -20.05 37.76
CA PHE C 137 -19.12 -20.86 38.78
C PHE C 137 -19.49 -20.00 39.98
N GLU C 138 -18.60 -19.08 40.36
CA GLU C 138 -18.86 -18.25 41.53
C GLU C 138 -20.08 -17.35 41.34
N ARG C 139 -20.27 -16.80 40.14
CA ARG C 139 -21.47 -16.02 39.87
C ARG C 139 -22.70 -16.89 39.89
N ILE C 140 -22.61 -18.11 39.34
CA ILE C 140 -23.77 -18.99 39.36
C ILE C 140 -24.20 -19.22 40.80
N ILE C 141 -23.23 -19.45 41.69
CA ILE C 141 -23.56 -19.74 43.08
C ILE C 141 -24.22 -18.53 43.74
N CYS C 142 -23.69 -17.33 43.50
CA CYS C 142 -24.34 -16.14 44.01
C CYS C 142 -25.80 -16.04 43.55
N ASP C 143 -26.05 -16.29 42.25
CA ASP C 143 -27.42 -16.31 41.75
C ASP C 143 -28.27 -17.34 42.49
N PHE C 144 -27.74 -18.56 42.65
CA PHE C 144 -28.51 -19.62 43.29
C PHE C 144 -28.88 -19.25 44.71
N VAL C 145 -27.95 -18.65 45.44
CA VAL C 145 -28.22 -18.26 46.81
C VAL C 145 -29.27 -17.16 46.85
N ILE C 146 -29.00 -16.05 46.14
CA ILE C 146 -29.97 -14.94 46.04
C ILE C 146 -31.36 -15.44 45.73
N HIS C 147 -31.50 -16.33 44.75
CA HIS C 147 -32.80 -16.74 44.25
C HIS C 147 -33.20 -18.14 44.71
N ARG C 148 -32.61 -18.62 45.81
CA ARG C 148 -32.85 -19.97 46.30
C ARG C 148 -34.33 -20.32 46.37
N GLU C 149 -35.17 -19.39 46.86
CA GLU C 149 -36.56 -19.74 47.08
C GLU C 149 -37.34 -19.96 45.78
N LYS C 150 -36.84 -19.45 44.65
CA LYS C 150 -37.49 -19.67 43.37
C LYS C 150 -36.91 -20.86 42.62
N ILE C 151 -35.88 -21.52 43.16
CA ILE C 151 -35.17 -22.58 42.48
C ILE C 151 -35.60 -23.94 43.01
N ASP C 152 -35.81 -24.89 42.09
CA ASP C 152 -36.11 -26.28 42.43
C ASP C 152 -35.05 -26.82 43.41
N SER C 153 -35.53 -27.48 44.47
CA SER C 153 -34.63 -27.82 45.56
C SER C 153 -33.56 -28.83 45.14
N GLU C 154 -33.95 -29.84 44.37
CA GLU C 154 -32.96 -30.80 43.89
C GLU C 154 -31.88 -30.10 43.09
N LEU C 155 -32.28 -29.27 42.12
CA LEU C 155 -31.29 -28.53 41.35
C LEU C 155 -30.40 -27.69 42.26
N PHE C 156 -31.00 -27.00 43.23
CA PHE C 156 -30.22 -26.17 44.14
C PHE C 156 -29.18 -27.00 44.89
N VAL C 157 -29.59 -28.17 45.40
CA VAL C 157 -28.64 -29.01 46.14
C VAL C 157 -27.55 -29.56 45.22
N LYS C 158 -27.97 -30.12 44.08
CA LYS C 158 -27.01 -30.66 43.12
C LYS C 158 -25.95 -29.62 42.76
N THR C 159 -26.34 -28.36 42.62
CA THR C 159 -25.40 -27.34 42.16
C THR C 159 -24.44 -26.91 43.27
N LEU C 160 -24.96 -26.65 44.47
CA LEU C 160 -24.05 -26.28 45.56
C LEU C 160 -23.14 -27.44 45.93
N GLN C 161 -23.65 -28.68 45.88
CA GLN C 161 -22.78 -29.83 46.12
C GLN C 161 -21.70 -29.92 45.05
N SER C 162 -22.06 -29.67 43.79
CA SER C 162 -21.06 -29.66 42.73
C SER C 162 -20.00 -28.60 43.00
N TYR C 163 -20.40 -27.44 43.52
CA TYR C 163 -19.41 -26.43 43.83
C TYR C 163 -18.53 -26.87 44.99
N GLY C 164 -19.13 -27.54 46.00
CA GLY C 164 -18.32 -28.08 47.09
C GLY C 164 -17.18 -28.94 46.59
N ASN C 165 -17.48 -29.86 45.69
CA ASN C 165 -16.48 -30.74 45.09
C ASN C 165 -15.64 -30.07 44.01
N TYR C 166 -15.77 -28.77 43.80
CA TYR C 166 -15.11 -28.14 42.67
C TYR C 166 -13.68 -27.80 43.07
N PRO C 167 -12.68 -28.43 42.46
CA PRO C 167 -11.31 -28.25 42.95
C PRO C 167 -10.71 -26.90 42.64
N LYS C 168 -11.22 -26.20 41.61
CA LYS C 168 -10.67 -24.91 41.21
C LYS C 168 -11.54 -23.75 41.67
N LYS C 169 -12.16 -23.88 42.83
CA LYS C 169 -12.99 -22.78 43.31
C LYS C 169 -12.10 -21.58 43.64
N ASN C 170 -12.73 -20.41 43.64
CA ASN C 170 -12.06 -19.15 43.82
C ASN C 170 -12.90 -18.39 44.84
N LEU C 171 -12.64 -18.61 46.13
CA LEU C 171 -13.46 -17.99 47.15
C LEU C 171 -13.27 -16.48 47.19
N ALA C 172 -12.12 -15.96 46.75
CA ALA C 172 -11.96 -14.52 46.67
C ALA C 172 -13.00 -13.90 45.75
N LYS C 173 -13.14 -14.42 44.53
CA LYS C 173 -14.15 -13.91 43.62
C LYS C 173 -15.55 -14.16 44.18
N LEU C 174 -15.76 -15.33 44.81
CA LEU C 174 -17.07 -15.63 45.37
C LEU C 174 -17.50 -14.51 46.30
N TYR C 175 -16.59 -14.09 47.19
CA TYR C 175 -16.94 -13.09 48.18
C TYR C 175 -16.92 -11.68 47.58
N GLU C 176 -16.05 -11.44 46.61
CA GLU C 176 -16.15 -10.19 45.84
C GLU C 176 -17.52 -10.04 45.19
N TYR C 177 -17.96 -11.06 44.42
CA TYR C 177 -19.24 -10.97 43.75
C TYR C 177 -20.37 -10.83 44.76
N ALA C 178 -20.32 -11.62 45.84
CA ALA C 178 -21.41 -11.61 46.82
C ALA C 178 -21.54 -10.24 47.47
N THR C 179 -20.40 -9.58 47.71
CA THR C 179 -20.39 -8.23 48.24
C THR C 179 -21.02 -7.26 47.26
N LYS C 180 -20.54 -7.29 46.01
CA LYS C 180 -21.08 -6.39 44.99
C LYS C 180 -22.58 -6.57 44.85
N MET C 181 -23.07 -7.82 44.98
CA MET C 181 -24.49 -8.11 44.82
C MET C 181 -25.26 -8.07 46.14
N ASN C 182 -24.67 -7.45 47.18
CA ASN C 182 -25.30 -7.25 48.48
C ASN C 182 -25.90 -8.55 49.04
N THR C 183 -25.10 -9.61 49.02
CA THR C 183 -25.58 -10.90 49.48
C THR C 183 -24.49 -11.69 50.22
N LEU C 184 -23.46 -11.00 50.74
CA LEU C 184 -22.30 -11.70 51.26
C LEU C 184 -22.66 -12.60 52.43
N GLU C 185 -23.49 -12.10 53.35
CA GLU C 185 -23.78 -12.87 54.56
C GLU C 185 -24.54 -14.15 54.24
N LYS C 186 -25.53 -14.06 53.36
CA LYS C 186 -26.28 -15.26 52.96
C LYS C 186 -25.40 -16.26 52.21
N VAL C 187 -24.43 -15.77 51.43
CA VAL C 187 -23.54 -16.67 50.71
C VAL C 187 -22.58 -17.36 51.67
N LYS C 188 -22.00 -16.61 52.59
CA LYS C 188 -21.14 -17.21 53.61
C LYS C 188 -21.88 -18.30 54.38
N GLN C 189 -23.08 -18.01 54.87
CA GLN C 189 -23.80 -18.98 55.69
C GLN C 189 -24.19 -20.21 54.89
N THR C 190 -24.54 -20.03 53.61
CA THR C 190 -25.03 -21.15 52.81
C THR C 190 -23.89 -22.07 52.40
N LEU C 191 -22.70 -21.52 52.20
CA LEU C 191 -21.58 -22.28 51.67
C LEU C 191 -20.55 -22.74 52.72
N GLU C 192 -20.57 -22.17 53.93
CA GLU C 192 -19.46 -22.43 54.85
C GLU C 192 -19.38 -23.90 55.24
N VAL C 193 -20.47 -24.65 55.13
CA VAL C 193 -20.43 -26.07 55.49
C VAL C 193 -20.01 -26.97 54.33
N LEU C 194 -19.96 -26.44 53.11
CA LEU C 194 -19.52 -27.24 51.97
C LEU C 194 -18.06 -27.02 51.62
N ILE C 195 -17.47 -25.96 52.14
CA ILE C 195 -16.09 -25.63 51.87
C ILE C 195 -15.18 -26.32 52.88
N SER D 1 25.11 -9.81 -8.79
CA SER D 1 24.57 -8.73 -7.91
C SER D 1 24.50 -7.41 -8.67
N LYS D 2 23.78 -6.45 -8.10
CA LYS D 2 23.76 -5.10 -8.67
C LYS D 2 25.17 -4.51 -8.73
N LYS D 3 26.04 -4.80 -7.76
CA LYS D 3 27.39 -4.24 -7.81
C LYS D 3 28.15 -4.77 -9.00
N GLU D 4 28.07 -6.08 -9.25
CA GLU D 4 28.76 -6.65 -10.42
C GLU D 4 28.18 -6.10 -11.71
N ILE D 5 26.85 -5.95 -11.79
CA ILE D 5 26.21 -5.35 -12.96
C ILE D 5 26.77 -3.94 -13.21
N LEU D 6 26.83 -3.13 -12.17
CA LEU D 6 27.27 -1.76 -12.32
C LEU D 6 28.74 -1.71 -12.74
N LEU D 7 29.59 -2.50 -12.10
CA LEU D 7 31.01 -2.51 -12.48
C LEU D 7 31.22 -2.99 -13.91
N ASP D 8 30.40 -3.95 -14.36
CA ASP D 8 30.54 -4.41 -15.73
C ASP D 8 30.12 -3.32 -16.69
N PHE D 9 29.05 -2.59 -16.35
CA PHE D 9 28.64 -1.46 -17.16
C PHE D 9 29.74 -0.43 -17.25
N ILE D 10 30.37 -0.12 -16.12
CA ILE D 10 31.38 0.94 -16.09
C ILE D 10 32.55 0.58 -17.00
N GLU D 11 33.02 -0.66 -16.92
CA GLU D 11 34.09 -1.15 -17.80
C GLU D 11 33.70 -1.06 -19.27
N LYS D 12 32.49 -1.54 -19.62
CA LYS D 12 32.10 -1.50 -21.02
C LYS D 12 31.80 -0.08 -21.50
N ASN D 13 31.48 0.84 -20.60
CA ASN D 13 31.25 2.23 -20.98
C ASN D 13 32.55 3.06 -20.90
N ASN D 14 33.69 2.40 -20.89
CA ASN D 14 35.01 3.05 -20.91
C ASN D 14 35.25 3.99 -19.72
N GLY D 15 34.88 3.54 -18.52
CA GLY D 15 35.25 4.24 -17.31
C GLY D 15 34.44 5.46 -16.98
N ILE D 16 33.28 5.62 -17.58
CA ILE D 16 32.40 6.76 -17.35
C ILE D 16 31.07 6.20 -16.86
N VAL D 17 30.47 6.84 -15.87
CA VAL D 17 29.14 6.41 -15.41
C VAL D 17 28.44 7.59 -14.77
N THR D 18 27.13 7.67 -14.95
CA THR D 18 26.36 8.77 -14.41
C THR D 18 25.22 8.26 -13.55
N ASN D 19 24.64 9.19 -12.78
CA ASN D 19 23.43 8.89 -12.03
C ASN D 19 22.35 8.31 -12.95
N LYS D 20 22.18 8.90 -14.14
CA LYS D 20 21.13 8.42 -15.04
C LYS D 20 21.44 7.01 -15.55
N ASP D 21 22.72 6.68 -15.83
CA ASP D 21 23.07 5.33 -16.23
C ASP D 21 22.61 4.34 -15.16
N CYS D 22 22.94 4.67 -13.92
CA CYS D 22 22.65 3.81 -12.78
C CYS D 22 21.15 3.58 -12.64
N LYS D 23 20.35 4.66 -12.78
CA LYS D 23 18.89 4.51 -12.75
C LYS D 23 18.38 3.65 -13.92
N ALA D 24 18.99 3.80 -15.10
CA ALA D 24 18.56 3.05 -16.26
C ALA D 24 18.80 1.57 -16.09
N LEU D 25 19.81 1.22 -15.28
CA LEU D 25 20.07 -0.17 -14.94
C LEU D 25 19.18 -0.69 -13.83
N GLY D 26 18.41 0.19 -13.19
CA GLY D 26 17.61 -0.23 -12.05
C GLY D 26 18.39 -0.30 -10.76
N ILE D 27 19.47 0.45 -10.64
CA ILE D 27 20.38 0.37 -9.49
C ILE D 27 20.30 1.69 -8.74
N PRO D 28 20.15 1.69 -7.42
CA PRO D 28 20.09 2.94 -6.69
C PRO D 28 21.39 3.69 -6.86
N THR D 29 21.28 5.00 -6.96
CA THR D 29 22.44 5.82 -7.21
C THR D 29 23.38 5.89 -6.03
N ILE D 30 22.94 5.50 -4.83
CA ILE D 30 23.87 5.42 -3.71
C ILE D 30 25.02 4.48 -4.02
N TYR D 31 24.83 3.53 -4.94
CA TYR D 31 25.93 2.66 -5.34
C TYR D 31 27.13 3.46 -5.83
N LEU D 32 26.89 4.58 -6.53
CA LEU D 32 27.99 5.38 -7.05
C LEU D 32 28.79 6.00 -5.91
N THR D 33 28.09 6.53 -4.89
CA THR D 33 28.74 7.04 -3.71
C THR D 33 29.58 5.95 -3.04
N ARG D 34 29.07 4.72 -3.03
CA ARG D 34 29.82 3.64 -2.37
C ARG D 34 31.06 3.27 -3.17
N LEU D 35 30.96 3.28 -4.50
CA LEU D 35 32.13 3.02 -5.34
C LEU D 35 33.15 4.14 -5.19
N GLU D 36 32.66 5.37 -4.98
CA GLU D 36 33.55 6.51 -4.74
C GLU D 36 34.32 6.33 -3.44
N LYS D 37 33.64 5.94 -2.36
CA LYS D 37 34.34 5.71 -1.10
C LYS D 37 35.30 4.53 -1.20
N GLU D 38 34.97 3.50 -1.97
CA GLU D 38 35.88 2.39 -2.19
C GLU D 38 37.11 2.79 -3.00
N GLY D 39 37.04 3.89 -3.75
CA GLY D 39 38.16 4.33 -4.57
C GLY D 39 38.16 3.82 -5.99
N ILE D 40 37.02 3.35 -6.49
CA ILE D 40 36.91 2.82 -7.84
C ILE D 40 36.55 3.91 -8.82
N ILE D 41 35.72 4.87 -8.40
CA ILE D 41 35.34 5.96 -9.27
C ILE D 41 35.51 7.27 -8.52
N PHE D 42 35.48 8.35 -9.29
CA PHE D 42 35.82 9.69 -8.82
C PHE D 42 34.86 10.67 -9.47
N ARG D 43 34.23 11.51 -8.66
CA ARG D 43 33.26 12.46 -9.20
C ARG D 43 33.98 13.59 -9.92
N VAL D 44 33.60 13.84 -11.17
CA VAL D 44 34.13 14.94 -11.97
C VAL D 44 33.13 16.07 -12.13
N GLU D 45 31.85 15.75 -12.25
CA GLU D 45 30.79 16.75 -12.21
C GLU D 45 29.67 16.19 -11.36
N LYS D 46 28.72 17.03 -11.02
CA LYS D 46 27.52 16.52 -10.34
C LYS D 46 26.89 15.41 -11.19
N GLY D 47 26.76 14.21 -10.61
CA GLY D 47 26.15 13.05 -11.26
C GLY D 47 27.04 12.33 -12.26
N ILE D 48 28.30 12.73 -12.42
CA ILE D 48 29.20 12.15 -13.42
C ILE D 48 30.47 11.70 -12.75
N PHE D 49 30.87 10.44 -13.03
CA PHE D 49 31.99 9.82 -12.35
C PHE D 49 32.89 9.13 -13.38
N LEU D 50 34.19 9.11 -13.07
CA LEU D 50 35.18 8.42 -13.86
C LEU D 50 35.92 7.37 -13.06
N THR D 51 36.33 6.31 -13.72
CA THR D 51 37.33 5.41 -13.15
C THR D 51 38.71 6.09 -13.23
N GLN D 52 39.75 5.36 -12.85
CA GLN D 52 41.12 5.84 -13.02
C GLN D 52 41.42 6.22 -14.47
N ASN D 53 40.78 5.56 -15.43
CA ASN D 53 41.12 5.72 -16.84
C ASN D 53 40.03 6.32 -17.68
N GLY D 54 38.85 6.57 -17.12
CA GLY D 54 37.82 7.28 -17.82
C GLY D 54 38.30 8.61 -18.33
N ASP D 55 37.91 8.93 -19.56
CA ASP D 55 38.28 10.18 -20.20
C ASP D 55 37.18 11.19 -19.97
N TYR D 56 37.54 12.46 -20.08
CA TYR D 56 36.60 13.55 -19.86
C TYR D 56 35.98 13.94 -21.21
N ASP D 57 34.66 13.76 -21.36
CA ASP D 57 33.96 14.03 -22.63
C ASP D 57 33.32 15.40 -22.56
N GLU D 58 33.96 16.38 -23.20
CA GLU D 58 33.53 17.77 -23.09
C GLU D 58 32.11 17.97 -23.60
N TYR D 59 31.76 17.37 -24.73
CA TYR D 59 30.42 17.55 -25.24
C TYR D 59 29.39 16.84 -24.36
N TYR D 60 29.66 15.59 -24.04
CA TYR D 60 28.68 14.80 -23.30
C TYR D 60 28.46 15.35 -21.89
N PHE D 61 29.53 15.65 -21.17
CA PHE D 61 29.35 16.16 -19.81
C PHE D 61 28.61 17.49 -19.82
N PHE D 62 28.86 18.33 -20.83
CA PHE D 62 28.13 19.59 -20.91
C PHE D 62 26.63 19.35 -21.02
N GLN D 63 26.22 18.52 -21.96
CA GLN D 63 24.79 18.30 -22.16
C GLN D 63 24.19 17.52 -21.01
N TYR D 64 24.96 16.66 -20.36
CA TYR D 64 24.44 15.99 -19.18
C TYR D 64 23.93 17.01 -18.16
N ARG D 65 24.72 18.08 -17.97
CA ARG D 65 24.37 19.16 -17.05
C ARG D 65 23.21 19.99 -17.59
N PHE D 66 23.17 20.24 -18.89
CA PHE D 66 22.14 21.07 -19.51
C PHE D 66 21.36 20.28 -20.56
N PRO D 67 20.50 19.37 -20.13
CA PRO D 67 19.92 18.40 -21.07
C PRO D 67 19.17 19.05 -22.24
N LYS D 68 18.56 20.21 -22.05
CA LYS D 68 17.74 20.77 -23.11
C LYS D 68 18.53 21.72 -24.02
N ALA D 69 19.83 21.87 -23.81
CA ALA D 69 20.72 22.60 -24.71
C ALA D 69 21.17 21.68 -25.84
N ILE D 70 20.42 21.68 -26.93
CA ILE D 70 20.80 20.90 -28.10
C ILE D 70 21.95 21.56 -28.83
N PHE D 71 22.95 20.76 -29.21
CA PHE D 71 24.09 21.29 -29.95
C PHE D 71 23.68 21.71 -31.35
N SER D 72 24.18 22.86 -31.78
CA SER D 72 23.76 23.55 -33.00
C SER D 72 25.00 24.01 -33.78
N TYR D 73 24.74 24.66 -34.93
CA TYR D 73 25.77 25.27 -35.77
C TYR D 73 27.08 24.50 -35.82
N ILE D 74 28.19 25.13 -35.40
CA ILE D 74 29.49 24.48 -35.59
C ILE D 74 29.62 23.21 -34.74
N SER D 75 29.00 23.18 -33.56
CA SER D 75 29.06 21.97 -32.75
C SER D 75 28.34 20.81 -33.42
N ALA D 76 27.11 21.05 -33.87
CA ALA D 76 26.35 20.04 -34.58
C ALA D 76 27.08 19.59 -35.85
N LEU D 77 27.73 20.54 -36.54
CA LEU D 77 28.52 20.18 -37.71
C LEU D 77 29.71 19.33 -37.32
N TYR D 78 30.47 19.76 -36.32
CA TYR D 78 31.64 18.97 -35.92
C TYR D 78 31.21 17.58 -35.46
N LEU D 79 30.21 17.51 -34.59
CA LEU D 79 29.81 16.22 -34.04
C LEU D 79 29.39 15.25 -35.12
N GLN D 80 28.83 15.73 -36.22
CA GLN D 80 28.37 14.86 -37.30
C GLN D 80 29.41 14.72 -38.43
N GLN D 81 30.62 15.20 -38.22
CA GLN D 81 31.69 15.09 -39.23
C GLN D 81 31.24 15.72 -40.54
N PHE D 82 30.55 16.86 -40.44
CA PHE D 82 30.17 17.67 -41.57
C PHE D 82 31.16 18.80 -41.82
N THR D 83 32.22 18.87 -41.02
CA THR D 83 33.32 19.79 -41.25
C THR D 83 34.61 19.07 -40.85
N ASP D 84 35.72 19.45 -41.48
CA ASP D 84 37.02 18.98 -41.03
C ASP D 84 37.61 19.87 -39.94
N GLU D 85 36.88 20.92 -39.55
CA GLU D 85 37.31 21.79 -38.46
C GLU D 85 37.16 21.07 -37.13
N ILE D 86 37.74 21.68 -36.10
CA ILE D 86 37.66 21.19 -34.73
C ILE D 86 37.40 22.39 -33.84
N PRO D 87 36.16 22.83 -33.67
CA PRO D 87 35.90 24.08 -32.95
C PRO D 87 36.58 24.13 -31.61
N GLN D 88 36.53 25.30 -30.96
CA GLN D 88 37.02 25.48 -29.60
C GLN D 88 36.04 26.32 -28.80
N TYR D 89 34.77 26.28 -29.21
CA TYR D 89 33.67 26.91 -28.49
C TYR D 89 32.45 26.03 -28.74
N PHE D 90 31.31 26.43 -28.19
CA PHE D 90 30.10 25.63 -28.23
C PHE D 90 28.94 26.47 -28.75
N ASP D 91 28.21 25.95 -29.73
CA ASP D 91 26.93 26.50 -30.15
C ASP D 91 25.82 25.57 -29.67
N VAL D 92 24.81 26.13 -29.01
CA VAL D 92 23.68 25.37 -28.50
C VAL D 92 22.43 26.21 -28.66
N THR D 93 21.27 25.56 -28.49
CA THR D 93 20.01 26.16 -28.87
C THR D 93 18.94 25.73 -27.89
N VAL D 94 18.40 26.69 -27.14
CA VAL D 94 17.42 26.42 -26.09
C VAL D 94 16.15 27.17 -26.45
N PRO D 95 15.00 26.76 -25.90
CA PRO D 95 13.74 27.45 -26.20
C PRO D 95 13.66 28.85 -25.59
N LEU D 107 30.60 29.77 -25.00
CA LEU D 107 29.19 29.35 -25.01
C LEU D 107 28.35 30.34 -25.81
N ASN D 108 28.01 30.02 -27.05
CA ASN D 108 27.11 30.83 -27.86
C ASN D 108 25.72 30.20 -27.81
N ILE D 109 24.77 30.94 -27.26
CA ILE D 109 23.43 30.43 -27.05
C ILE D 109 22.52 31.06 -28.09
N HIS D 110 21.45 30.35 -28.42
CA HIS D 110 20.52 30.76 -29.47
C HIS D 110 19.12 30.35 -29.03
N PHE D 111 18.16 31.25 -29.18
CA PHE D 111 16.80 31.00 -28.70
C PHE D 111 15.87 30.78 -29.87
N VAL D 112 14.82 29.99 -29.64
CA VAL D 112 13.82 29.71 -30.67
C VAL D 112 12.50 29.36 -30.00
N SER D 113 11.41 29.55 -30.73
CA SER D 113 10.10 29.21 -30.22
C SER D 113 10.02 27.72 -29.87
N LYS D 114 9.17 27.40 -28.89
CA LYS D 114 9.11 26.05 -28.36
C LYS D 114 8.84 25.03 -29.45
N GLU D 115 8.03 25.39 -30.45
CA GLU D 115 7.75 24.50 -31.56
C GLU D 115 8.99 24.19 -32.39
N TYR D 116 10.07 24.94 -32.22
CA TYR D 116 11.30 24.78 -32.99
C TYR D 116 12.45 24.17 -32.20
N SER D 117 12.32 24.04 -30.88
CA SER D 117 13.48 23.66 -30.06
C SER D 117 14.00 22.28 -30.44
N GLU D 118 13.11 21.32 -30.70
CA GLU D 118 13.50 19.97 -31.02
C GLU D 118 13.28 19.59 -32.48
N LEU D 119 12.98 20.56 -33.34
CA LEU D 119 12.72 20.25 -34.74
C LEU D 119 14.04 19.87 -35.41
N GLY D 120 14.09 18.65 -35.94
CA GLY D 120 15.31 18.16 -36.54
C GLY D 120 16.32 17.63 -35.54
N MET D 121 15.93 17.43 -34.29
CA MET D 121 16.85 16.89 -33.29
C MET D 121 17.17 15.45 -33.62
N THR D 122 18.45 15.09 -33.56
CA THR D 122 18.87 13.71 -33.73
C THR D 122 19.96 13.43 -32.69
N THR D 123 20.42 12.19 -32.65
CA THR D 123 21.38 11.76 -31.63
C THR D 123 22.57 11.12 -32.30
N VAL D 124 23.76 11.52 -31.87
CA VAL D 124 24.99 10.98 -32.44
C VAL D 124 26.02 10.84 -31.34
N PRO D 125 26.95 9.91 -31.51
CA PRO D 125 28.01 9.77 -30.50
C PRO D 125 29.08 10.82 -30.69
N THR D 126 29.59 11.33 -29.57
CA THR D 126 30.73 12.23 -29.60
C THR D 126 31.96 11.48 -30.09
N PRO D 127 33.07 12.19 -30.31
CA PRO D 127 34.31 11.50 -30.67
C PRO D 127 34.70 10.44 -29.64
N MET D 128 34.18 10.54 -28.44
CA MET D 128 34.47 9.55 -27.39
C MET D 128 33.36 8.52 -27.18
N GLY D 129 32.36 8.49 -28.04
CA GLY D 129 31.42 7.39 -28.05
C GLY D 129 30.16 7.61 -27.25
N ASN D 130 30.00 8.75 -26.61
CA ASN D 130 28.81 9.04 -25.81
C ASN D 130 27.78 9.81 -26.62
N ASN D 131 26.51 9.43 -26.48
CA ASN D 131 25.46 10.07 -27.25
C ASN D 131 25.14 11.48 -26.78
N VAL D 132 25.03 12.40 -27.73
CA VAL D 132 24.53 13.73 -27.47
C VAL D 132 23.49 14.08 -28.53
N ARG D 133 22.62 15.00 -28.18
CA ARG D 133 21.57 15.45 -29.08
C ARG D 133 22.05 16.69 -29.84
N VAL D 134 21.80 16.68 -31.14
CA VAL D 134 22.28 17.70 -32.07
C VAL D 134 21.17 17.96 -33.07
N TYR D 135 21.32 19.06 -33.82
CA TYR D 135 20.48 19.36 -34.96
C TYR D 135 21.04 18.66 -36.19
N ASP D 136 20.16 18.01 -36.98
CA ASP D 136 20.61 17.30 -38.17
C ASP D 136 20.94 18.32 -39.27
N PHE D 137 21.57 17.83 -40.35
CA PHE D 137 22.13 18.73 -41.36
C PHE D 137 21.07 19.67 -41.90
N GLU D 138 19.84 19.18 -42.10
CA GLU D 138 18.80 19.99 -42.71
C GLU D 138 18.39 21.13 -41.81
N ARG D 139 18.28 20.87 -40.50
CA ARG D 139 17.99 21.94 -39.56
C ARG D 139 19.13 22.95 -39.48
N ILE D 140 20.36 22.48 -39.50
CA ILE D 140 21.49 23.41 -39.48
C ILE D 140 21.42 24.33 -40.71
N ILE D 141 21.05 23.77 -41.86
CA ILE D 141 21.01 24.57 -43.07
C ILE D 141 19.93 25.65 -42.96
N CYS D 142 18.74 25.26 -42.52
CA CYS D 142 17.69 26.27 -42.31
C CYS D 142 18.17 27.35 -41.35
N ASP D 143 18.85 26.97 -40.26
CA ASP D 143 19.32 27.97 -39.30
C ASP D 143 20.34 28.90 -39.95
N PHE D 144 21.22 28.36 -40.80
CA PHE D 144 22.23 29.16 -41.47
C PHE D 144 21.61 30.15 -42.43
N VAL D 145 20.59 29.70 -43.18
CA VAL D 145 19.88 30.58 -44.10
C VAL D 145 19.25 31.73 -43.34
N ILE D 146 18.34 31.41 -42.41
CA ILE D 146 17.60 32.43 -41.67
C ILE D 146 18.52 33.45 -41.02
N HIS D 147 19.75 33.06 -40.69
CA HIS D 147 20.70 33.93 -40.00
C HIS D 147 21.97 34.13 -40.80
N ARG D 148 21.88 34.01 -42.13
CA ARG D 148 23.05 34.29 -42.98
C ARG D 148 23.63 35.64 -42.64
N GLU D 149 22.79 36.57 -42.20
CA GLU D 149 23.23 37.93 -41.89
C GLU D 149 24.48 37.95 -41.00
N LYS D 150 24.51 37.10 -39.96
CA LYS D 150 25.47 37.24 -38.87
C LYS D 150 26.51 36.14 -38.84
N ILE D 151 26.72 35.44 -39.95
CA ILE D 151 27.64 34.30 -39.99
C ILE D 151 28.85 34.68 -40.83
N ASP D 152 30.03 34.28 -40.38
CA ASP D 152 31.25 34.54 -41.12
C ASP D 152 31.14 33.94 -42.52
N SER D 153 31.24 34.79 -43.53
CA SER D 153 30.99 34.39 -44.91
C SER D 153 31.75 33.12 -45.29
N GLU D 154 33.02 33.00 -44.89
CA GLU D 154 33.78 31.82 -45.24
C GLU D 154 33.16 30.57 -44.63
N LEU D 155 32.67 30.68 -43.39
CA LEU D 155 32.01 29.55 -42.76
C LEU D 155 30.68 29.25 -43.42
N PHE D 156 29.90 30.30 -43.74
CA PHE D 156 28.64 30.12 -44.42
C PHE D 156 28.83 29.32 -45.70
N VAL D 157 29.84 29.68 -46.50
CA VAL D 157 30.07 29.01 -47.78
C VAL D 157 30.54 27.58 -47.55
N LYS D 158 31.46 27.38 -46.61
CA LYS D 158 31.94 26.03 -46.32
C LYS D 158 30.79 25.10 -45.95
N THR D 159 29.88 25.57 -45.11
CA THR D 159 28.77 24.74 -44.67
C THR D 159 27.87 24.36 -45.83
N LEU D 160 27.41 25.36 -46.59
CA LEU D 160 26.48 25.08 -47.68
C LEU D 160 27.12 24.19 -48.74
N GLN D 161 28.39 24.45 -49.09
CA GLN D 161 29.06 23.59 -50.04
C GLN D 161 29.14 22.17 -49.51
N SER D 162 29.53 22.02 -48.24
CA SER D 162 29.49 20.70 -47.60
C SER D 162 28.10 20.07 -47.73
N TYR D 163 27.05 20.83 -47.41
CA TYR D 163 25.71 20.31 -47.64
C TYR D 163 25.51 19.99 -49.11
N GLY D 164 26.05 20.83 -49.99
CA GLY D 164 25.96 20.55 -51.41
C GLY D 164 26.51 19.19 -51.77
N ASN D 165 27.63 18.82 -51.16
CA ASN D 165 28.28 17.54 -51.43
C ASN D 165 27.80 16.40 -50.54
N TYR D 166 26.75 16.61 -49.73
CA TYR D 166 26.31 15.60 -48.79
C TYR D 166 25.44 14.57 -49.51
N PRO D 167 25.87 13.31 -49.60
CA PRO D 167 25.11 12.31 -50.38
C PRO D 167 23.85 11.81 -49.71
N LYS D 168 23.58 12.23 -48.48
CA LYS D 168 22.42 11.75 -47.74
C LYS D 168 21.49 12.91 -47.41
N LYS D 169 21.36 13.85 -48.36
CA LYS D 169 20.36 14.89 -48.23
C LYS D 169 19.00 14.26 -48.04
N ASN D 170 18.14 14.96 -47.31
CA ASN D 170 16.74 14.58 -47.18
C ASN D 170 15.99 15.87 -47.47
N LEU D 171 15.76 16.13 -48.75
CA LEU D 171 15.14 17.39 -49.15
C LEU D 171 13.74 17.50 -48.60
N ALA D 172 13.03 16.38 -48.49
CA ALA D 172 11.70 16.40 -47.88
C ALA D 172 11.77 16.99 -46.47
N LYS D 173 12.73 16.52 -45.65
CA LYS D 173 12.91 17.10 -44.33
C LYS D 173 13.32 18.56 -44.43
N LEU D 174 14.24 18.87 -45.34
CA LEU D 174 14.70 20.25 -45.48
C LEU D 174 13.53 21.19 -45.75
N TYR D 175 12.65 20.81 -46.68
CA TYR D 175 11.54 21.68 -47.00
C TYR D 175 10.47 21.60 -45.94
N GLU D 176 10.30 20.45 -45.29
CA GLU D 176 9.46 20.39 -44.09
C GLU D 176 9.92 21.41 -43.06
N TYR D 177 11.18 21.32 -42.59
CA TYR D 177 11.65 22.25 -41.57
C TYR D 177 11.50 23.70 -42.04
N ALA D 178 11.87 23.98 -43.30
CA ALA D 178 11.82 25.35 -43.79
C ALA D 178 10.39 25.86 -43.84
N THR D 179 9.45 25.01 -44.27
CA THR D 179 8.04 25.37 -44.19
C THR D 179 7.66 25.74 -42.75
N LYS D 180 7.89 24.81 -41.81
CA LYS D 180 7.52 25.03 -40.43
C LYS D 180 8.18 26.27 -39.84
N MET D 181 9.38 26.62 -40.32
CA MET D 181 10.13 27.74 -39.78
C MET D 181 9.95 29.02 -40.58
N ASN D 182 9.00 29.06 -41.52
CA ASN D 182 8.67 30.27 -42.26
C ASN D 182 9.90 30.87 -42.93
N THR D 183 10.54 30.07 -43.77
CA THR D 183 11.71 30.51 -44.52
C THR D 183 11.88 29.64 -45.75
N LEU D 184 10.78 29.07 -46.23
CA LEU D 184 10.86 28.09 -47.31
C LEU D 184 11.45 28.68 -48.58
N GLU D 185 11.00 29.88 -48.97
CA GLU D 185 11.48 30.44 -50.23
C GLU D 185 12.95 30.84 -50.14
N LYS D 186 13.33 31.58 -49.09
CA LYS D 186 14.73 31.97 -48.96
C LYS D 186 15.63 30.75 -48.91
N VAL D 187 15.12 29.62 -48.44
CA VAL D 187 15.90 28.38 -48.43
C VAL D 187 15.93 27.77 -49.83
N LYS D 188 14.76 27.64 -50.47
CA LYS D 188 14.70 27.14 -51.84
C LYS D 188 15.69 27.89 -52.72
N GLN D 189 15.68 29.22 -52.62
CA GLN D 189 16.53 30.06 -53.46
C GLN D 189 18.01 29.88 -53.13
N THR D 190 18.35 29.95 -51.85
CA THR D 190 19.75 29.88 -51.44
C THR D 190 20.38 28.55 -51.85
N LEU D 191 19.57 27.50 -51.96
CA LEU D 191 20.08 26.15 -52.09
C LEU D 191 19.89 25.51 -53.46
N GLU D 192 19.04 26.07 -54.32
CA GLU D 192 18.71 25.36 -55.55
C GLU D 192 19.92 25.20 -56.47
N VAL D 193 20.92 26.07 -56.37
CA VAL D 193 22.11 25.87 -57.21
C VAL D 193 23.02 24.76 -56.66
N LEU D 194 22.94 24.46 -55.37
CA LEU D 194 23.77 23.43 -54.77
C LEU D 194 23.11 22.05 -54.79
N ILE D 195 21.86 21.97 -55.21
CA ILE D 195 21.14 20.71 -55.28
C ILE D 195 21.22 20.14 -56.69
#